data_6BVM
#
_entry.id   6BVM
#
_cell.length_a   184.316
_cell.length_b   184.316
_cell.length_c   179.059
_cell.angle_alpha   90.00
_cell.angle_beta   90.00
_cell.angle_gamma   90.00
#
_symmetry.space_group_name_H-M   'I 4 2 2'
#
loop_
_entity.id
_entity.type
_entity.pdbx_description
1 polymer 'GTPase HRas'
2 polymer 'Son of sevenless homolog 1'
3 polymer 'GTPase HRas'
4 non-polymer 'PHOSPHOAMINOPHOSPHONIC ACID-GUANYLATE ESTER'
5 non-polymer 'MAGNESIUM ION'
6 non-polymer (2S)-2-amino-1-[(3aR,6aS)-5-[(5-chloro-1H-indol-3-yl)methyl]hexahydropyrrolo[3,4-c]pyrrol-2(1H)-yl]-3-(1H-indol-3-yl)propan-1-one
7 non-polymer 'FORMIC ACID'
8 non-polymer GLYCEROL
9 non-polymer 'SODIUM ION'
10 water water
#
loop_
_entity_poly.entity_id
_entity_poly.type
_entity_poly.pdbx_seq_one_letter_code
_entity_poly.pdbx_strand_id
1 'polypeptide(L)'
;GMTEYKLVVVGAGGVGKSALTIQLIQNHFVDEYDPTIEDSYRKQVVIDGET(CSO)LLDILDTAGQEEASAMRDQYMRTG
EGFLCVFAINNTKSFEDIHQYREQIKRVKDSDDVPMVLVGNKCDLAARTVESRQAQDLARSYGIPYIETSAKTRQGVEDA
FYTLVREIRQH
;
A
2 'polypeptide(L)'
;GQMRLPSADVYRFAEPDSEENIIFEENMQPKAGIPIIKAGTVIKLIERLTYHMYADPNFVRTFLTTYRSFCKPQELLSLI
IERFEIPEPEPTEADRIAIENGDQPLSAELKRFRKEYIQPVQLRVLNVCRHWVEHHFYDFERDAYLLQRMEEFIGTVRGK
AMKKWVESITKIIQRKKIARDNGPGHNITFQSSPPTVEWHISRPGHIETFDLLTLHPIEIARQLTLLESDLYRAVQPSEL
VGSVWTKEDKEINSPNLLKMIRHTTNLTLWFEKCIVETENLEERVAVVSRIIEILQVFQELNNFNGVLEVVSAMNSSPVY
RLDHTFEQIPSRQKKILEEAHELSEDHYKKYLAKLRSINPPCVPFFGIYLTNILKTEEGNPEVLKRHGKELINFSKRRKV
AEITGEIQQYQNQPYCLRVESDIKRFFENLNPMGNSMEKEFTDYLFNKSLEIEPRNPKPLPRFPKKYSYPLKSPGVRPSN
PR
;
B
3 'polypeptide(L)'
;GMTEYKLVVVGAGGVGKSALTIQLIQNHFVDEYDPTIEDSYRKQVVIDGETCLLDILDTAGQEEYSAMRDQYMRTGEGFL
CVFAINNTKSFEDIHQYREQIKRVKDSDDVPMVLVGNKCDLAARTVESRQAQDLARSYGIPYIETSAKTRQGVEDAFYTL
VREIRQH
;
C
#
loop_
_chem_comp.id
_chem_comp.type
_chem_comp.name
_chem_comp.formula
EBV non-polymer (2S)-2-amino-1-[(3aR,6aS)-5-[(5-chloro-1H-indol-3-yl)methyl]hexahydropyrrolo[3,4-c]pyrrol-2(1H)-yl]-3-(1H-indol-3-yl)propan-1-one 'C26 H28 Cl N5 O'
FMT non-polymer 'FORMIC ACID' 'C H2 O2'
GNP non-polymer 'PHOSPHOAMINOPHOSPHONIC ACID-GUANYLATE ESTER' 'C10 H17 N6 O13 P3'
GOL non-polymer GLYCEROL 'C3 H8 O3'
MG non-polymer 'MAGNESIUM ION' 'Mg 2'
NA non-polymer 'SODIUM ION' 'Na 1'
#
# COMPACT_ATOMS: atom_id res chain seq x y z
N MET A 2 -15.49 -6.73 -6.71
CA MET A 2 -14.31 -7.60 -6.85
C MET A 2 -14.48 -8.90 -6.07
N THR A 3 -14.51 -10.02 -6.78
CA THR A 3 -14.57 -11.32 -6.14
C THR A 3 -13.17 -11.78 -5.77
N GLU A 4 -13.04 -12.40 -4.61
CA GLU A 4 -11.76 -12.93 -4.16
C GLU A 4 -11.69 -14.43 -4.40
N TYR A 5 -10.54 -14.91 -4.89
CA TYR A 5 -10.33 -16.34 -5.19
C TYR A 5 -9.10 -16.82 -4.47
N LYS A 6 -9.21 -17.96 -3.76
CA LYS A 6 -8.10 -18.52 -3.01
C LYS A 6 -7.48 -19.67 -3.80
N LEU A 7 -6.33 -19.43 -4.43
CA LEU A 7 -5.63 -20.43 -5.22
C LEU A 7 -4.45 -20.98 -4.43
N VAL A 8 -4.20 -22.28 -4.58
CA VAL A 8 -3.09 -22.94 -3.90
C VAL A 8 -2.27 -23.69 -4.96
N VAL A 9 -0.95 -23.52 -4.90
CA VAL A 9 -0.04 -24.16 -5.85
C VAL A 9 0.66 -25.30 -5.10
N VAL A 10 0.51 -26.54 -5.59
CA VAL A 10 1.06 -27.73 -4.92
C VAL A 10 1.85 -28.58 -5.92
N GLY A 11 2.67 -29.46 -5.39
CA GLY A 11 3.51 -30.32 -6.21
C GLY A 11 4.84 -30.58 -5.55
N ALA A 12 5.57 -31.53 -6.12
CA ALA A 12 6.84 -31.98 -5.55
C ALA A 12 7.89 -30.86 -5.50
N GLY A 13 8.88 -31.04 -4.62
CA GLY A 13 9.94 -30.05 -4.51
C GLY A 13 10.71 -29.83 -5.80
N GLY A 14 10.93 -28.56 -6.14
CA GLY A 14 11.76 -28.19 -7.27
C GLY A 14 11.08 -28.18 -8.63
N VAL A 15 9.76 -28.37 -8.70
CA VAL A 15 9.11 -28.41 -10.01
C VAL A 15 8.86 -27.02 -10.59
N GLY A 16 8.98 -25.96 -9.79
CA GLY A 16 8.79 -24.60 -10.26
C GLY A 16 7.55 -23.89 -9.75
N LYS A 17 6.99 -24.32 -8.61
CA LYS A 17 5.80 -23.67 -8.08
C LYS A 17 6.06 -22.21 -7.77
N SER A 18 7.19 -21.93 -7.11
CA SER A 18 7.48 -20.54 -6.75
C SER A 18 7.83 -19.74 -7.99
N ALA A 19 8.62 -20.30 -8.90
CA ALA A 19 8.97 -19.58 -10.13
C ALA A 19 7.73 -19.23 -10.94
N LEU A 20 6.78 -20.17 -11.06
CA LEU A 20 5.53 -19.89 -11.75
C LEU A 20 4.79 -18.74 -11.08
N THR A 21 4.71 -18.77 -9.75
CA THR A 21 3.94 -17.75 -9.02
C THR A 21 4.60 -16.38 -9.16
N ILE A 22 5.92 -16.30 -8.99
CA ILE A 22 6.62 -15.02 -9.09
C ILE A 22 6.60 -14.48 -10.52
N GLN A 23 6.67 -15.35 -11.52
CA GLN A 23 6.47 -14.90 -12.91
C GLN A 23 5.09 -14.28 -13.08
N LEU A 24 4.04 -14.91 -12.56
CA LEU A 24 2.71 -14.32 -12.63
C LEU A 24 2.65 -12.98 -11.91
N ILE A 25 3.23 -12.90 -10.71
CA ILE A 25 3.05 -11.73 -9.87
C ILE A 25 3.93 -10.56 -10.33
N GLN A 26 5.20 -10.84 -10.66
CA GLN A 26 6.17 -9.79 -10.90
C GLN A 26 6.75 -9.77 -12.31
N ASN A 27 6.36 -10.70 -13.19
CA ASN A 27 6.95 -10.82 -14.53
C ASN A 27 8.46 -11.03 -14.47
N HIS A 28 8.94 -11.75 -13.46
CA HIS A 28 10.36 -12.00 -13.23
C HIS A 28 10.59 -13.49 -13.06
N PHE A 29 11.66 -14.03 -13.66
CA PHE A 29 12.01 -15.44 -13.51
C PHE A 29 13.10 -15.61 -12.45
N VAL A 30 12.81 -16.42 -11.43
CA VAL A 30 13.75 -16.68 -10.34
C VAL A 30 14.65 -17.85 -10.73
N ASP A 31 15.96 -17.61 -10.81
CA ASP A 31 16.92 -18.66 -11.13
C ASP A 31 17.28 -19.50 -9.92
N GLU A 32 17.27 -18.92 -8.73
CA GLU A 32 17.63 -19.65 -7.53
C GLU A 32 16.57 -20.68 -7.15
N TYR A 33 17.02 -21.69 -6.43
CA TYR A 33 16.15 -22.75 -5.91
C TYR A 33 16.23 -22.62 -4.39
N ASP A 34 15.33 -21.78 -3.84
CA ASP A 34 15.17 -21.56 -2.40
C ASP A 34 13.92 -22.30 -1.95
N PRO A 35 14.03 -23.46 -1.30
CA PRO A 35 12.82 -24.22 -0.97
C PRO A 35 11.86 -23.44 -0.07
N THR A 36 10.60 -23.45 -0.46
CA THR A 36 9.54 -22.70 0.19
C THR A 36 9.06 -23.41 1.44
N ILE A 37 8.67 -22.63 2.45
CA ILE A 37 7.95 -23.17 3.59
C ILE A 37 6.47 -22.87 3.39
N GLU A 38 6.10 -21.59 3.35
CA GLU A 38 4.80 -21.17 2.84
C GLU A 38 4.83 -19.67 2.58
N ASP A 39 4.45 -19.28 1.37
CA ASP A 39 4.42 -17.89 0.94
C ASP A 39 3.04 -17.55 0.40
N SER A 40 2.69 -16.28 0.48
N SER A 40 2.66 -16.28 0.48
CA SER A 40 1.41 -15.78 0.01
CA SER A 40 1.35 -15.89 -0.05
C SER A 40 1.63 -14.61 -0.93
C SER A 40 1.45 -14.55 -0.78
N TYR A 41 0.72 -14.47 -1.89
CA TYR A 41 0.76 -13.34 -2.82
C TYR A 41 -0.66 -12.90 -3.14
N ARG A 42 -0.81 -11.63 -3.54
CA ARG A 42 -2.10 -11.13 -4.01
C ARG A 42 -1.95 -10.45 -5.36
N LYS A 43 -3.00 -10.56 -6.18
CA LYS A 43 -2.98 -9.99 -7.52
C LYS A 43 -4.38 -9.57 -7.95
N GLN A 44 -4.55 -8.26 -8.20
CA GLN A 44 -5.77 -7.77 -8.84
C GLN A 44 -5.63 -7.92 -10.35
N VAL A 45 -6.62 -8.51 -11.00
CA VAL A 45 -6.53 -8.76 -12.44
C VAL A 45 -7.93 -8.90 -13.01
N VAL A 46 -8.12 -8.41 -14.23
CA VAL A 46 -9.41 -8.55 -14.92
C VAL A 46 -9.37 -9.82 -15.75
N ILE A 47 -10.32 -10.73 -15.48
CA ILE A 47 -10.42 -12.02 -16.16
C ILE A 47 -11.84 -12.11 -16.74
N ASP A 48 -11.93 -12.28 -18.06
CA ASP A 48 -13.21 -12.35 -18.76
C ASP A 48 -14.10 -11.15 -18.42
N GLY A 49 -13.49 -9.97 -18.38
CA GLY A 49 -14.20 -8.73 -18.13
C GLY A 49 -14.59 -8.47 -16.70
N GLU A 50 -14.20 -9.33 -15.76
CA GLU A 50 -14.57 -9.16 -14.36
C GLU A 50 -13.31 -8.98 -13.52
N THR A 51 -13.30 -7.97 -12.67
CA THR A 51 -12.13 -7.73 -11.84
C THR A 51 -12.15 -8.69 -10.68
N CSO A 52 -11.04 -9.37 -10.43
CA CSO A 52 -10.95 -10.05 -9.15
CB CSO A 52 -11.32 -11.50 -9.28
SG CSO A 52 -10.41 -12.18 -10.62
C CSO A 52 -9.62 -9.97 -8.48
O CSO A 52 -8.66 -9.45 -9.03
OD CSO A 52 -11.70 -12.46 -11.80
N LEU A 53 -9.60 -10.52 -7.29
CA LEU A 53 -8.47 -10.47 -6.42
C LEU A 53 -8.05 -11.89 -6.14
N LEU A 54 -6.87 -12.27 -6.63
CA LEU A 54 -6.37 -13.62 -6.42
C LEU A 54 -5.50 -13.64 -5.17
N ASP A 55 -5.79 -14.56 -4.25
CA ASP A 55 -4.89 -14.88 -3.16
C ASP A 55 -4.20 -16.18 -3.53
N ILE A 56 -2.88 -16.15 -3.63
CA ILE A 56 -2.15 -17.31 -4.13
C ILE A 56 -1.24 -17.82 -3.01
N LEU A 57 -1.48 -19.06 -2.59
CA LEU A 57 -0.67 -19.70 -1.57
C LEU A 57 0.36 -20.58 -2.27
N ASP A 58 1.64 -20.32 -1.99
CA ASP A 58 2.75 -21.06 -2.59
C ASP A 58 3.29 -22.01 -1.53
N THR A 59 3.20 -23.33 -1.77
CA THR A 59 3.39 -24.30 -0.69
C THR A 59 4.73 -25.03 -0.81
N ALA A 60 5.02 -25.82 0.23
CA ALA A 60 6.28 -26.54 0.34
C ALA A 60 6.21 -27.90 -0.36
N GLY A 61 7.13 -28.15 -1.28
CA GLY A 61 7.22 -29.43 -1.93
C GLY A 61 8.15 -30.42 -1.26
N GLN A 62 9.08 -29.94 -0.42
CA GLN A 62 10.04 -30.87 0.18
C GLN A 62 9.31 -31.85 1.10
N GLU A 63 9.74 -33.12 1.07
CA GLU A 63 9.03 -34.15 1.80
C GLU A 63 9.04 -33.90 3.30
N GLU A 64 10.05 -33.18 3.81
CA GLU A 64 10.11 -32.90 5.24
C GLU A 64 8.91 -32.09 5.72
N ALA A 65 8.19 -31.42 4.82
CA ALA A 65 7.00 -30.66 5.19
C ALA A 65 5.69 -31.41 4.91
N SER A 66 5.77 -32.71 4.61
CA SER A 66 4.60 -33.41 4.09
C SER A 66 3.48 -33.61 5.12
N ALA A 67 3.74 -33.43 6.40
CA ALA A 67 2.71 -33.58 7.42
C ALA A 67 1.98 -32.28 7.75
N MET A 68 2.20 -31.21 6.98
CA MET A 68 1.65 -29.89 7.30
C MET A 68 0.69 -29.37 6.23
N ARG A 69 0.10 -30.26 5.43
CA ARG A 69 -0.68 -29.85 4.26
C ARG A 69 -2.17 -29.67 4.53
N ASP A 70 -2.76 -30.44 5.44
CA ASP A 70 -4.21 -30.32 5.66
C ASP A 70 -4.62 -28.88 5.88
N GLN A 71 -3.83 -28.13 6.66
CA GLN A 71 -4.21 -26.78 7.04
C GLN A 71 -4.37 -25.85 5.82
N TYR A 72 -3.49 -25.99 4.82
CA TYR A 72 -3.70 -25.12 3.65
C TYR A 72 -4.72 -25.70 2.66
N MET A 73 -4.92 -27.01 2.67
CA MET A 73 -5.91 -27.56 1.74
C MET A 73 -7.32 -27.21 2.18
N ARG A 74 -7.55 -27.05 3.48
CA ARG A 74 -8.86 -26.63 3.97
C ARG A 74 -9.24 -25.25 3.42
N THR A 75 -8.28 -24.33 3.33
CA THR A 75 -8.62 -22.96 2.97
C THR A 75 -8.73 -22.75 1.47
N GLY A 76 -8.06 -23.60 0.68
CA GLY A 76 -7.99 -23.34 -0.75
C GLY A 76 -9.30 -23.61 -1.46
N GLU A 77 -9.60 -22.75 -2.44
N GLU A 77 -9.58 -22.78 -2.48
CA GLU A 77 -10.75 -22.98 -3.32
CA GLU A 77 -10.76 -22.96 -3.32
C GLU A 77 -10.37 -23.81 -4.53
C GLU A 77 -10.44 -23.64 -4.65
N GLY A 78 -9.20 -23.57 -5.10
CA GLY A 78 -8.77 -24.29 -6.29
C GLY A 78 -7.27 -24.54 -6.21
N PHE A 79 -6.82 -25.57 -6.91
CA PHE A 79 -5.44 -26.04 -6.77
C PHE A 79 -4.77 -26.18 -8.13
N LEU A 80 -3.58 -25.60 -8.26
CA LEU A 80 -2.70 -25.86 -9.40
C LEU A 80 -1.80 -27.02 -9.00
N CYS A 81 -1.95 -28.18 -9.65
CA CYS A 81 -1.16 -29.36 -9.35
C CYS A 81 -0.01 -29.43 -10.35
N VAL A 82 1.20 -29.13 -9.89
CA VAL A 82 2.35 -28.88 -10.75
C VAL A 82 3.33 -30.04 -10.69
N PHE A 83 3.77 -30.50 -11.87
CA PHE A 83 4.95 -31.37 -11.97
C PHE A 83 5.87 -30.75 -13.01
N ALA A 84 7.08 -31.30 -13.14
CA ALA A 84 8.04 -30.84 -14.15
C ALA A 84 8.16 -31.91 -15.23
N ILE A 85 8.11 -31.49 -16.50
CA ILE A 85 8.06 -32.47 -17.59
C ILE A 85 9.39 -33.18 -17.80
N ASN A 86 10.45 -32.79 -17.09
CA ASN A 86 11.71 -33.51 -17.13
C ASN A 86 11.97 -34.28 -15.83
N ASN A 87 10.93 -34.53 -15.04
N ASN A 87 10.92 -34.58 -15.07
CA ASN A 87 11.10 -35.25 -13.77
CA ASN A 87 11.04 -35.22 -13.75
C ASN A 87 9.93 -36.21 -13.60
C ASN A 87 9.86 -36.20 -13.60
N THR A 88 10.18 -37.49 -13.90
N THR A 88 10.09 -37.46 -13.92
CA THR A 88 9.09 -38.47 -13.88
CA THR A 88 9.00 -38.43 -13.88
C THR A 88 8.54 -38.67 -12.48
C THR A 88 8.51 -38.68 -12.45
N LYS A 89 9.40 -38.61 -11.46
CA LYS A 89 8.94 -38.81 -10.09
C LYS A 89 7.93 -37.74 -9.68
N SER A 90 8.16 -36.49 -10.10
CA SER A 90 7.21 -35.43 -9.75
C SER A 90 5.85 -35.68 -10.40
N PHE A 91 5.82 -36.29 -11.58
CA PHE A 91 4.55 -36.67 -12.19
C PHE A 91 3.88 -37.79 -11.39
N GLU A 92 4.66 -38.79 -10.98
CA GLU A 92 4.10 -39.84 -10.14
C GLU A 92 3.63 -39.32 -8.78
N ASP A 93 4.17 -38.19 -8.32
CA ASP A 93 3.71 -37.62 -7.05
C ASP A 93 2.36 -36.91 -7.17
N ILE A 94 1.90 -36.62 -8.40
CA ILE A 94 0.67 -35.84 -8.57
C ILE A 94 -0.52 -36.52 -7.91
N HIS A 95 -0.63 -37.84 -8.06
CA HIS A 95 -1.85 -38.48 -7.58
C HIS A 95 -1.96 -38.42 -6.06
N GLN A 96 -0.83 -38.40 -5.35
N GLN A 96 -0.83 -38.36 -5.35
CA GLN A 96 -0.88 -38.22 -3.90
CA GLN A 96 -0.87 -38.23 -3.89
C GLN A 96 -1.51 -36.89 -3.53
C GLN A 96 -1.44 -36.88 -3.47
N TYR A 97 -1.10 -35.80 -4.18
CA TYR A 97 -1.70 -34.51 -3.91
C TYR A 97 -3.18 -34.51 -4.25
N ARG A 98 -3.54 -35.07 -5.41
CA ARG A 98 -4.94 -35.14 -5.81
C ARG A 98 -5.78 -35.86 -4.76
N GLU A 99 -5.29 -36.99 -4.27
CA GLU A 99 -6.05 -37.78 -3.29
C GLU A 99 -6.15 -37.06 -1.95
N GLN A 100 -5.06 -36.42 -1.51
CA GLN A 100 -5.13 -35.72 -0.23
C GLN A 100 -6.09 -34.54 -0.30
N ILE A 101 -6.07 -33.78 -1.40
CA ILE A 101 -7.00 -32.66 -1.53
C ILE A 101 -8.43 -33.15 -1.44
N LYS A 102 -8.75 -34.24 -2.15
CA LYS A 102 -10.10 -34.77 -2.13
C LYS A 102 -10.51 -35.23 -0.73
N ARG A 103 -9.58 -35.85 0.00
N ARG A 103 -9.58 -35.84 0.00
CA ARG A 103 -9.90 -36.29 1.36
CA ARG A 103 -9.87 -36.30 1.35
C ARG A 103 -10.16 -35.10 2.27
C ARG A 103 -10.13 -35.12 2.29
N VAL A 104 -9.27 -34.11 2.25
CA VAL A 104 -9.40 -32.97 3.16
C VAL A 104 -10.67 -32.18 2.88
N LYS A 105 -10.95 -31.91 1.60
CA LYS A 105 -12.13 -31.13 1.29
C LYS A 105 -13.37 -31.98 1.20
N ASP A 106 -13.25 -33.29 1.40
CA ASP A 106 -14.38 -34.22 1.37
C ASP A 106 -15.23 -34.01 0.13
N SER A 107 -14.58 -34.04 -1.03
CA SER A 107 -15.26 -33.73 -2.28
C SER A 107 -14.54 -34.37 -3.46
N ASP A 108 -15.33 -34.90 -4.39
CA ASP A 108 -14.84 -35.41 -5.66
C ASP A 108 -14.77 -34.34 -6.74
N ASP A 109 -15.12 -33.09 -6.41
CA ASP A 109 -15.37 -32.05 -7.40
C ASP A 109 -14.64 -30.75 -7.04
N VAL A 110 -13.35 -30.84 -6.75
CA VAL A 110 -12.57 -29.66 -6.35
C VAL A 110 -11.94 -29.01 -7.59
N PRO A 111 -12.07 -27.70 -7.79
CA PRO A 111 -11.40 -27.06 -8.94
C PRO A 111 -9.90 -27.31 -8.93
N MET A 112 -9.39 -27.87 -10.03
N MET A 112 -9.39 -27.85 -10.02
CA MET A 112 -7.97 -28.16 -10.18
CA MET A 112 -7.96 -28.12 -10.15
C MET A 112 -7.57 -27.97 -11.63
C MET A 112 -7.56 -27.98 -11.62
N VAL A 113 -6.28 -27.70 -11.82
CA VAL A 113 -5.65 -27.69 -13.14
C VAL A 113 -4.34 -28.47 -13.02
N LEU A 114 -4.08 -29.37 -13.97
CA LEU A 114 -2.81 -30.11 -14.00
C LEU A 114 -1.80 -29.28 -14.80
N VAL A 115 -0.64 -29.00 -14.22
CA VAL A 115 0.35 -28.14 -14.86
C VAL A 115 1.66 -28.91 -15.07
N GLY A 116 2.09 -29.00 -16.32
CA GLY A 116 3.41 -29.55 -16.64
C GLY A 116 4.40 -28.44 -16.91
N ASN A 117 5.27 -28.17 -15.93
CA ASN A 117 6.14 -27.00 -15.99
C ASN A 117 7.51 -27.35 -16.58
N LYS A 118 8.28 -26.28 -16.90
CA LYS A 118 9.62 -26.34 -17.49
C LYS A 118 9.56 -26.78 -18.96
N CYS A 119 8.51 -26.36 -19.67
CA CYS A 119 8.34 -26.80 -21.06
C CYS A 119 9.31 -26.11 -22.02
N ASP A 120 10.13 -25.17 -21.52
CA ASP A 120 11.21 -24.59 -22.29
C ASP A 120 12.39 -25.53 -22.47
N LEU A 121 12.46 -26.60 -21.68
CA LEU A 121 13.60 -27.51 -21.72
C LEU A 121 13.34 -28.60 -22.76
N ALA A 122 14.35 -28.90 -23.56
CA ALA A 122 14.20 -29.88 -24.63
C ALA A 122 14.08 -31.30 -24.08
N ALA A 123 14.80 -31.62 -23.01
CA ALA A 123 14.96 -33.01 -22.54
C ALA A 123 13.77 -33.44 -21.68
N ARG A 124 12.65 -33.66 -22.35
CA ARG A 124 11.42 -34.08 -21.69
C ARG A 124 11.44 -35.57 -21.34
N THR A 125 10.92 -35.92 -20.16
CA THR A 125 10.76 -37.32 -19.80
C THR A 125 9.32 -37.75 -19.55
N VAL A 126 8.38 -36.81 -19.40
CA VAL A 126 6.96 -37.10 -19.30
C VAL A 126 6.30 -36.63 -20.58
N GLU A 127 5.67 -37.54 -21.31
CA GLU A 127 5.04 -37.15 -22.57
C GLU A 127 3.70 -36.47 -22.31
N SER A 128 3.36 -35.52 -23.18
CA SER A 128 2.10 -34.78 -23.03
C SER A 128 0.91 -35.73 -22.98
N ARG A 129 0.93 -36.78 -23.81
CA ARG A 129 -0.17 -37.72 -23.85
C ARG A 129 -0.42 -38.38 -22.49
N GLN A 130 0.66 -38.78 -21.79
CA GLN A 130 0.49 -39.41 -20.50
C GLN A 130 -0.13 -38.44 -19.49
N ALA A 131 0.33 -37.19 -19.49
CA ALA A 131 -0.27 -36.21 -18.58
C ALA A 131 -1.71 -35.89 -18.98
N GLN A 132 -1.97 -35.80 -20.29
CA GLN A 132 -3.33 -35.52 -20.72
C GLN A 132 -4.29 -36.64 -20.31
N ASP A 133 -3.84 -37.90 -20.43
CA ASP A 133 -4.68 -39.02 -19.99
C ASP A 133 -5.03 -38.90 -18.51
N LEU A 134 -4.05 -38.54 -17.68
CA LEU A 134 -4.31 -38.38 -16.25
C LEU A 134 -5.30 -37.27 -16.00
N ALA A 135 -5.10 -36.12 -16.66
CA ALA A 135 -6.03 -35.00 -16.49
C ALA A 135 -7.45 -35.40 -16.86
N ARG A 136 -7.64 -36.10 -17.99
CA ARG A 136 -9.00 -36.52 -18.36
C ARG A 136 -9.61 -37.42 -17.29
N SER A 137 -8.81 -38.31 -16.71
CA SER A 137 -9.31 -39.18 -15.65
C SER A 137 -9.74 -38.39 -14.41
N TYR A 138 -9.17 -37.20 -14.21
CA TYR A 138 -9.58 -36.30 -13.14
C TYR A 138 -10.67 -35.34 -13.56
N GLY A 139 -10.98 -35.26 -14.86
CA GLY A 139 -11.93 -34.28 -15.33
C GLY A 139 -11.43 -32.85 -15.34
N ILE A 140 -10.13 -32.62 -15.53
CA ILE A 140 -9.56 -31.29 -15.41
C ILE A 140 -8.66 -31.00 -16.62
N PRO A 141 -8.40 -29.73 -16.93
CA PRO A 141 -7.52 -29.43 -18.05
C PRO A 141 -6.05 -29.61 -17.67
N TYR A 142 -5.24 -29.78 -18.72
CA TYR A 142 -3.79 -29.91 -18.63
C TYR A 142 -3.15 -28.78 -19.41
N ILE A 143 -2.26 -28.03 -18.76
CA ILE A 143 -1.62 -26.87 -19.39
C ILE A 143 -0.13 -26.98 -19.16
N GLU A 144 0.66 -26.94 -20.24
CA GLU A 144 2.11 -26.92 -20.10
C GLU A 144 2.61 -25.49 -20.02
N THR A 145 3.58 -25.27 -19.13
CA THR A 145 4.02 -23.91 -18.78
C THR A 145 5.54 -23.84 -18.76
N SER A 146 6.04 -22.62 -18.88
CA SER A 146 7.43 -22.31 -18.55
C SER A 146 7.46 -21.03 -17.71
N ALA A 147 7.91 -21.16 -16.46
CA ALA A 147 8.09 -19.97 -15.65
C ALA A 147 9.22 -19.08 -16.19
N LYS A 148 10.11 -19.66 -16.99
CA LYS A 148 11.23 -18.91 -17.57
C LYS A 148 10.78 -18.03 -18.72
N THR A 149 9.98 -18.56 -19.64
CA THR A 149 9.60 -17.81 -20.83
C THR A 149 8.22 -17.17 -20.72
N ARG A 150 7.41 -17.55 -19.72
CA ARG A 150 6.01 -17.15 -19.49
C ARG A 150 5.02 -17.97 -20.31
N GLN A 151 5.47 -18.86 -21.18
CA GLN A 151 4.54 -19.69 -21.95
C GLN A 151 3.55 -20.38 -21.00
N GLY A 152 2.25 -20.20 -21.27
CA GLY A 152 1.21 -20.91 -20.55
C GLY A 152 0.92 -20.42 -19.13
N VAL A 153 1.66 -19.45 -18.60
CA VAL A 153 1.55 -19.15 -17.18
C VAL A 153 0.19 -18.49 -16.86
N GLU A 154 -0.16 -17.42 -17.59
CA GLU A 154 -1.47 -16.83 -17.37
C GLU A 154 -2.59 -17.83 -17.66
N ASP A 155 -2.44 -18.64 -18.71
CA ASP A 155 -3.45 -19.62 -19.05
C ASP A 155 -3.71 -20.58 -17.88
N ALA A 156 -2.65 -21.03 -17.22
CA ALA A 156 -2.82 -21.99 -16.12
C ALA A 156 -3.58 -21.36 -14.95
N PHE A 157 -3.11 -20.19 -14.48
CA PHE A 157 -3.76 -19.57 -13.32
C PHE A 157 -5.16 -19.10 -13.66
N TYR A 158 -5.36 -18.50 -14.84
CA TYR A 158 -6.68 -17.95 -15.11
C TYR A 158 -7.68 -19.05 -15.47
N THR A 159 -7.21 -20.18 -16.02
CA THR A 159 -8.12 -21.32 -16.18
C THR A 159 -8.62 -21.81 -14.83
N LEU A 160 -7.75 -21.84 -13.82
CA LEU A 160 -8.18 -22.26 -12.49
C LEU A 160 -9.21 -21.29 -11.92
N VAL A 161 -9.01 -19.98 -12.12
CA VAL A 161 -10.01 -19.01 -11.69
C VAL A 161 -11.37 -19.31 -12.32
N ARG A 162 -11.38 -19.57 -13.64
CA ARG A 162 -12.64 -19.86 -14.32
C ARG A 162 -13.31 -21.11 -13.74
N GLU A 163 -12.52 -22.09 -13.29
N GLU A 163 -12.50 -22.11 -13.34
CA GLU A 163 -13.14 -23.29 -12.74
CA GLU A 163 -13.06 -23.31 -12.72
C GLU A 163 -13.71 -23.06 -11.36
C GLU A 163 -13.76 -22.96 -11.42
N ILE A 164 -13.10 -22.18 -10.56
CA ILE A 164 -13.69 -21.79 -9.29
C ILE A 164 -14.97 -20.98 -9.54
N ARG A 165 -14.94 -20.09 -10.53
CA ARG A 165 -16.10 -19.24 -10.79
C ARG A 165 -17.30 -20.06 -11.24
N GLN A 166 -17.09 -21.14 -12.00
CA GLN A 166 -18.19 -21.96 -12.48
C GLN A 166 -18.55 -23.09 -11.53
N HIS A 167 -17.82 -23.23 -10.42
CA HIS A 167 -18.03 -24.34 -9.49
C HIS A 167 -19.36 -24.23 -8.77
N GLY B 1 -6.74 -37.90 22.01
CA GLY B 1 -6.63 -36.69 22.81
C GLY B 1 -5.57 -35.75 22.27
N GLN B 2 -5.56 -34.52 22.76
CA GLN B 2 -4.53 -33.58 22.34
C GLN B 2 -3.17 -34.02 22.87
N MET B 3 -2.13 -33.56 22.19
CA MET B 3 -0.78 -33.80 22.68
C MET B 3 -0.57 -33.06 23.99
N ARG B 4 0.12 -33.70 24.92
CA ARG B 4 0.60 -32.98 26.08
C ARG B 4 1.73 -32.03 25.68
N LEU B 5 1.92 -30.99 26.49
CA LEU B 5 2.87 -29.93 26.22
C LEU B 5 3.94 -29.89 27.29
N PRO B 6 5.09 -29.27 27.01
CA PRO B 6 6.08 -29.05 28.08
C PRO B 6 5.44 -28.22 29.19
N SER B 7 6.02 -28.33 30.38
CA SER B 7 5.60 -27.48 31.49
C SER B 7 5.84 -26.01 31.15
N ALA B 8 4.84 -25.17 31.45
CA ALA B 8 4.98 -23.74 31.19
C ALA B 8 6.11 -23.11 31.99
N ASP B 9 6.63 -23.82 33.00
CA ASP B 9 7.78 -23.34 33.75
C ASP B 9 9.08 -23.45 32.96
N VAL B 10 9.22 -24.47 32.12
CA VAL B 10 10.42 -24.60 31.29
C VAL B 10 10.22 -24.05 29.88
N TYR B 11 8.99 -23.89 29.43
CA TYR B 11 8.72 -23.43 28.06
C TYR B 11 7.53 -22.48 28.08
N ARG B 12 7.80 -21.18 27.95
CA ARG B 12 6.77 -20.17 28.23
C ARG B 12 5.60 -20.22 27.26
N PHE B 13 5.80 -20.78 26.07
CA PHE B 13 4.77 -20.77 25.04
C PHE B 13 3.73 -21.88 25.21
N ALA B 14 3.73 -22.58 26.34
CA ALA B 14 2.75 -23.61 26.63
C ALA B 14 1.71 -23.15 27.65
N GLU B 15 1.76 -21.90 28.07
CA GLU B 15 0.75 -21.37 28.97
C GLU B 15 -0.62 -21.42 28.29
N PRO B 16 -1.67 -21.79 29.00
CA PRO B 16 -3.00 -21.84 28.37
C PRO B 16 -3.47 -20.46 27.96
N ASP B 17 -4.20 -20.42 26.84
CA ASP B 17 -4.92 -19.21 26.44
C ASP B 17 -5.89 -18.78 27.53
N SER B 18 -5.93 -17.48 27.81
CA SER B 18 -6.94 -16.91 28.69
C SER B 18 -7.18 -15.47 28.25
N GLU B 19 -8.29 -14.88 28.73
CA GLU B 19 -8.52 -13.47 28.43
C GLU B 19 -7.48 -12.56 29.07
N GLU B 20 -6.67 -13.06 30.00
CA GLU B 20 -5.56 -12.28 30.52
C GLU B 20 -4.36 -12.25 29.60
N ASN B 21 -4.32 -13.08 28.54
CA ASN B 21 -3.17 -13.03 27.64
C ASN B 21 -3.51 -13.04 26.15
N ILE B 22 -4.75 -13.28 25.75
CA ILE B 22 -5.09 -13.22 24.32
C ILE B 22 -6.60 -13.01 24.18
N ILE B 23 -6.99 -12.17 23.23
CA ILE B 23 -8.38 -11.91 22.92
C ILE B 23 -8.58 -12.05 21.42
N PHE B 24 -9.59 -12.84 21.03
CA PHE B 24 -9.84 -13.06 19.61
C PHE B 24 -11.00 -12.19 19.15
N GLU B 25 -10.98 -11.84 17.87
CA GLU B 25 -12.14 -11.20 17.26
C GLU B 25 -13.30 -12.19 17.15
N GLU B 26 -14.51 -11.65 17.09
CA GLU B 26 -15.68 -12.48 16.85
C GLU B 26 -15.74 -12.91 15.38
N GLY B 33 -10.88 -21.00 8.33
CA GLY B 33 -11.54 -20.65 9.58
C GLY B 33 -10.56 -20.58 10.75
N ILE B 34 -9.45 -19.88 10.54
CA ILE B 34 -8.46 -19.73 11.62
C ILE B 34 -8.83 -18.49 12.43
N PRO B 35 -8.50 -18.45 13.73
CA PRO B 35 -8.88 -17.32 14.56
C PRO B 35 -8.14 -16.05 14.15
N ILE B 36 -8.76 -14.92 14.47
CA ILE B 36 -8.20 -13.60 14.23
C ILE B 36 -7.97 -12.92 15.58
N ILE B 37 -6.74 -12.46 15.80
CA ILE B 37 -6.35 -11.97 17.13
C ILE B 37 -6.66 -10.49 17.23
N LYS B 38 -7.42 -10.12 18.28
CA LYS B 38 -7.65 -8.71 18.57
C LYS B 38 -6.51 -8.12 19.40
N ALA B 39 -6.06 -8.85 20.41
CA ALA B 39 -5.06 -8.33 21.34
C ALA B 39 -4.37 -9.51 22.02
N GLY B 40 -3.16 -9.28 22.50
CA GLY B 40 -2.49 -10.31 23.27
C GLY B 40 -1.15 -9.85 23.80
N THR B 41 -0.59 -10.67 24.70
CA THR B 41 0.79 -10.43 25.11
C THR B 41 1.72 -10.75 23.94
N VAL B 42 2.95 -10.24 24.01
CA VAL B 42 3.91 -10.54 22.95
C VAL B 42 4.18 -12.05 22.87
N ILE B 43 4.22 -12.74 24.02
CA ILE B 43 4.43 -14.20 24.02
C ILE B 43 3.32 -14.91 23.25
N LYS B 44 2.07 -14.51 23.49
CA LYS B 44 0.95 -15.14 22.78
C LYS B 44 0.95 -14.79 21.29
N LEU B 45 1.33 -13.55 20.94
CA LEU B 45 1.42 -13.21 19.52
C LEU B 45 2.46 -14.08 18.81
N ILE B 46 3.60 -14.30 19.45
CA ILE B 46 4.64 -15.10 18.81
C ILE B 46 4.23 -16.58 18.75
N GLU B 47 3.56 -17.07 19.80
CA GLU B 47 3.00 -18.43 19.74
C GLU B 47 2.11 -18.60 18.51
N ARG B 48 1.19 -17.66 18.31
CA ARG B 48 0.25 -17.81 17.21
C ARG B 48 0.91 -17.50 15.87
N LEU B 49 1.96 -16.69 15.87
CA LEU B 49 2.74 -16.46 14.67
C LEU B 49 3.39 -17.73 14.14
N THR B 50 3.62 -18.70 15.02
CA THR B 50 4.36 -19.91 14.72
C THR B 50 3.60 -21.12 15.21
N TYR B 51 2.30 -21.15 14.96
CA TYR B 51 1.40 -22.09 15.64
C TYR B 51 1.51 -23.49 15.06
N HIS B 52 1.38 -24.50 15.92
CA HIS B 52 1.58 -25.86 15.42
C HIS B 52 0.42 -26.34 14.55
N MET B 53 -0.77 -25.77 14.69
CA MET B 53 -1.94 -26.32 14.00
C MET B 53 -2.13 -25.77 12.59
N TYR B 54 -1.61 -24.59 12.30
CA TYR B 54 -1.85 -24.01 10.99
C TYR B 54 -0.80 -22.94 10.71
N ALA B 55 -0.58 -22.67 9.43
CA ALA B 55 0.22 -21.54 8.97
C ALA B 55 -0.67 -20.32 8.76
N ASP B 56 -0.08 -19.15 8.88
CA ASP B 56 -0.81 -17.88 8.76
C ASP B 56 0.09 -16.88 8.06
N PRO B 57 0.30 -17.04 6.76
CA PRO B 57 1.26 -16.17 6.05
C PRO B 57 0.88 -14.71 6.07
N ASN B 58 -0.40 -14.38 6.10
N ASN B 58 -0.41 -14.40 6.03
CA ASN B 58 -0.76 -12.96 6.19
CA ASN B 58 -0.83 -13.01 6.21
C ASN B 58 -0.49 -12.41 7.58
C ASN B 58 -0.34 -12.48 7.54
N PHE B 59 -0.55 -13.25 8.62
CA PHE B 59 -0.13 -12.84 9.95
C PHE B 59 1.39 -12.61 10.00
N VAL B 60 2.17 -13.45 9.32
CA VAL B 60 3.61 -13.25 9.30
C VAL B 60 3.95 -11.90 8.68
N ARG B 61 3.31 -11.58 7.55
CA ARG B 61 3.56 -10.27 6.93
C ARG B 61 3.13 -9.13 7.84
N THR B 62 1.91 -9.23 8.38
N THR B 62 1.95 -9.25 8.45
CA THR B 62 1.40 -8.18 9.28
CA THR B 62 1.47 -8.12 9.24
C THR B 62 2.35 -7.97 10.45
C THR B 62 2.26 -7.96 10.54
N PHE B 63 2.73 -9.07 11.12
CA PHE B 63 3.60 -8.97 12.29
C PHE B 63 4.96 -8.37 11.93
N LEU B 64 5.60 -8.88 10.88
CA LEU B 64 6.94 -8.40 10.54
C LEU B 64 6.90 -6.95 10.06
N THR B 65 5.78 -6.51 9.49
CA THR B 65 5.66 -5.12 9.06
C THR B 65 5.51 -4.17 10.25
N THR B 66 4.80 -4.58 11.31
CA THR B 66 4.35 -3.65 12.34
C THR B 66 4.92 -3.88 13.73
N TYR B 67 5.73 -4.92 13.97
CA TYR B 67 6.02 -5.30 15.35
C TYR B 67 6.88 -4.27 16.09
N ARG B 68 7.61 -3.41 15.38
CA ARG B 68 8.53 -2.54 16.10
C ARG B 68 7.81 -1.51 16.96
N SER B 69 6.50 -1.34 16.79
CA SER B 69 5.71 -0.49 17.68
C SER B 69 5.47 -1.12 19.03
N PHE B 70 5.81 -2.40 19.22
CA PHE B 70 5.62 -3.04 20.52
C PHE B 70 6.75 -3.97 20.94
N CYS B 71 7.77 -4.19 20.10
CA CYS B 71 8.86 -5.10 20.45
C CYS B 71 10.10 -4.70 19.67
N LYS B 72 11.25 -4.63 20.34
CA LYS B 72 12.47 -4.26 19.63
C LYS B 72 12.97 -5.43 18.77
N PRO B 73 13.67 -5.14 17.67
CA PRO B 73 14.21 -6.24 16.84
C PRO B 73 15.08 -7.23 17.61
N GLN B 74 15.96 -6.74 18.49
CA GLN B 74 16.79 -7.66 19.27
C GLN B 74 15.94 -8.58 20.15
N GLU B 75 14.86 -8.03 20.71
CA GLU B 75 14.01 -8.83 21.59
C GLU B 75 13.17 -9.82 20.80
N LEU B 76 12.72 -9.44 19.59
CA LEU B 76 12.00 -10.38 18.74
C LEU B 76 12.86 -11.59 18.42
N LEU B 77 14.13 -11.36 18.06
CA LEU B 77 15.00 -12.49 17.75
C LEU B 77 15.19 -13.39 18.97
N SER B 78 15.40 -12.79 20.15
CA SER B 78 15.51 -13.61 21.36
C SER B 78 14.26 -14.46 21.56
N LEU B 79 13.08 -13.87 21.34
CA LEU B 79 11.84 -14.60 21.58
C LEU B 79 11.63 -15.71 20.56
N ILE B 80 12.00 -15.50 19.30
CA ILE B 80 11.73 -16.62 18.39
C ILE B 80 12.77 -17.71 18.57
N ILE B 81 13.99 -17.39 19.02
CA ILE B 81 14.94 -18.44 19.38
C ILE B 81 14.41 -19.24 20.56
N GLU B 82 13.86 -18.56 21.56
CA GLU B 82 13.24 -19.26 22.69
C GLU B 82 12.09 -20.14 22.22
N ARG B 83 11.29 -19.65 21.27
CA ARG B 83 10.20 -20.46 20.71
C ARG B 83 10.73 -21.72 20.04
N PHE B 84 11.86 -21.60 19.34
CA PHE B 84 12.42 -22.72 18.57
C PHE B 84 12.89 -23.86 19.47
N GLU B 85 13.35 -23.54 20.68
CA GLU B 85 14.04 -24.50 21.54
C GLU B 85 13.03 -25.25 22.41
N ILE B 86 12.38 -26.25 21.82
CA ILE B 86 11.27 -26.95 22.44
C ILE B 86 11.79 -28.22 23.11
N PRO B 87 11.50 -28.44 24.39
CA PRO B 87 11.96 -29.67 25.03
C PRO B 87 11.13 -30.87 24.58
N GLU B 88 11.84 -32.06 24.47
CA GLU B 88 11.11 -33.28 24.13
C GLU B 88 10.59 -33.95 25.39
N PRO B 89 9.47 -34.66 25.32
CA PRO B 89 8.93 -35.31 26.51
C PRO B 89 9.74 -36.55 26.89
N GLU B 90 9.61 -36.95 28.15
CA GLU B 90 10.29 -38.14 28.67
C GLU B 90 9.57 -39.42 28.22
N PRO B 91 10.25 -40.56 28.26
CA PRO B 91 9.58 -41.82 27.91
C PRO B 91 8.35 -42.06 28.77
N THR B 92 7.33 -42.66 28.16
CA THR B 92 6.10 -42.98 28.85
C THR B 92 6.22 -44.31 29.57
N GLU B 93 5.18 -44.67 30.33
CA GLU B 93 5.18 -45.91 31.08
C GLU B 93 5.40 -47.12 30.17
N ALA B 94 4.73 -47.16 29.01
CA ALA B 94 4.92 -48.29 28.10
C ALA B 94 6.35 -48.33 27.57
N ASP B 95 6.95 -47.17 27.31
CA ASP B 95 8.35 -47.14 26.87
C ASP B 95 9.28 -47.67 27.96
N ARG B 96 9.04 -47.28 29.21
N ARG B 96 9.03 -47.25 29.20
CA ARG B 96 9.91 -47.74 30.30
CA ARG B 96 9.81 -47.71 30.34
C ARG B 96 9.83 -49.26 30.45
C ARG B 96 9.81 -49.22 30.43
N ILE B 97 8.63 -49.83 30.32
CA ILE B 97 8.50 -51.27 30.48
C ILE B 97 9.22 -52.02 29.35
N ALA B 98 9.16 -51.48 28.13
CA ALA B 98 9.89 -52.09 27.03
C ALA B 98 11.39 -52.06 27.28
N ILE B 99 11.89 -50.89 27.73
CA ILE B 99 13.32 -50.76 27.98
C ILE B 99 13.77 -51.68 29.11
N GLU B 100 12.93 -51.87 30.14
CA GLU B 100 13.30 -52.76 31.24
C GLU B 100 13.39 -54.20 30.79
N ASN B 101 12.75 -54.55 29.68
CA ASN B 101 12.82 -55.89 29.13
C ASN B 101 13.85 -56.02 28.01
N GLY B 102 14.68 -55.00 27.81
CA GLY B 102 15.70 -55.05 26.78
C GLY B 102 15.19 -54.82 25.37
N ASP B 103 13.94 -54.39 25.21
CA ASP B 103 13.34 -54.18 23.90
C ASP B 103 13.41 -52.70 23.51
N GLN B 104 13.23 -52.44 22.23
CA GLN B 104 13.18 -51.05 21.77
C GLN B 104 11.79 -50.49 22.04
N PRO B 105 11.69 -49.31 22.66
CA PRO B 105 10.36 -48.73 22.90
C PRO B 105 9.73 -48.23 21.60
N LEU B 106 8.39 -48.23 21.60
CA LEU B 106 7.65 -47.69 20.46
C LEU B 106 7.76 -46.18 20.39
N SER B 107 7.86 -45.51 21.54
CA SER B 107 8.00 -44.05 21.62
C SER B 107 6.90 -43.34 20.84
N ALA B 108 5.67 -43.85 20.93
CA ALA B 108 4.59 -43.34 20.10
C ALA B 108 4.30 -41.88 20.41
N GLU B 109 4.25 -41.53 21.69
CA GLU B 109 3.93 -40.15 22.06
C GLU B 109 5.06 -39.19 21.68
N LEU B 110 6.32 -39.61 21.88
CA LEU B 110 7.46 -38.80 21.46
C LEU B 110 7.46 -38.56 19.95
N LYS B 111 7.26 -39.62 19.17
CA LYS B 111 7.23 -39.47 17.71
C LYS B 111 6.12 -38.53 17.26
N ARG B 112 4.94 -38.65 17.87
CA ARG B 112 3.85 -37.75 17.49
C ARG B 112 4.17 -36.31 17.85
N PHE B 113 4.73 -36.08 19.05
CA PHE B 113 5.06 -34.72 19.45
C PHE B 113 6.09 -34.09 18.52
N ARG B 114 7.09 -34.87 18.09
CA ARG B 114 8.06 -34.37 17.10
C ARG B 114 7.37 -34.03 15.79
N LYS B 115 6.50 -34.92 15.30
CA LYS B 115 5.91 -34.75 13.99
C LYS B 115 4.86 -33.65 13.98
N GLU B 116 4.08 -33.51 15.05
CA GLU B 116 2.92 -32.62 15.02
C GLU B 116 3.09 -31.36 15.86
N TYR B 117 4.11 -31.27 16.71
CA TYR B 117 4.37 -30.03 17.44
C TYR B 117 5.74 -29.46 17.09
N ILE B 118 6.83 -30.19 17.36
CA ILE B 118 8.16 -29.59 17.21
C ILE B 118 8.45 -29.23 15.76
N GLN B 119 8.29 -30.19 14.85
CA GLN B 119 8.66 -29.90 13.46
C GLN B 119 7.83 -28.78 12.84
N PRO B 120 6.51 -28.72 13.01
CA PRO B 120 5.77 -27.55 12.46
C PRO B 120 6.14 -26.23 13.12
N VAL B 121 6.29 -26.19 14.45
CA VAL B 121 6.64 -24.93 15.11
C VAL B 121 8.02 -24.47 14.66
N GLN B 122 8.98 -25.40 14.62
CA GLN B 122 10.35 -25.02 14.23
C GLN B 122 10.39 -24.54 12.78
N LEU B 123 9.65 -25.22 11.89
CA LEU B 123 9.61 -24.79 10.50
C LEU B 123 8.96 -23.42 10.38
N ARG B 124 7.93 -23.16 11.18
CA ARG B 124 7.27 -21.87 11.10
C ARG B 124 8.12 -20.76 11.71
N VAL B 125 8.94 -21.07 12.73
CA VAL B 125 9.95 -20.10 13.18
C VAL B 125 10.92 -19.79 12.04
N LEU B 126 11.40 -20.82 11.34
CA LEU B 126 12.31 -20.55 10.23
C LEU B 126 11.64 -19.74 9.13
N ASN B 127 10.34 -19.94 8.93
CA ASN B 127 9.63 -19.15 7.92
C ASN B 127 9.55 -17.68 8.34
N VAL B 128 9.41 -17.42 9.64
CA VAL B 128 9.49 -16.04 10.11
C VAL B 128 10.87 -15.47 9.83
N CYS B 129 11.93 -16.23 10.14
CA CYS B 129 13.28 -15.76 9.84
C CYS B 129 13.47 -15.50 8.35
N ARG B 130 12.94 -16.39 7.51
CA ARG B 130 13.10 -16.25 6.07
C ARG B 130 12.40 -15.01 5.55
N HIS B 131 11.16 -14.78 6.00
CA HIS B 131 10.43 -13.58 5.59
C HIS B 131 11.11 -12.32 6.14
N TRP B 132 11.63 -12.41 7.35
CA TRP B 132 12.30 -11.27 7.98
C TRP B 132 13.50 -10.83 7.15
N VAL B 133 14.34 -11.79 6.76
CA VAL B 133 15.52 -11.48 5.96
C VAL B 133 15.14 -11.06 4.54
N GLU B 134 14.15 -11.71 3.94
CA GLU B 134 13.87 -11.41 2.52
C GLU B 134 13.14 -10.09 2.34
N HIS B 135 12.21 -9.76 3.22
CA HIS B 135 11.28 -8.66 3.00
C HIS B 135 11.38 -7.53 4.00
N HIS B 136 12.18 -7.69 5.07
CA HIS B 136 12.32 -6.66 6.08
C HIS B 136 13.77 -6.56 6.50
N PHE B 137 14.67 -6.65 5.52
CA PHE B 137 16.11 -6.71 5.79
C PHE B 137 16.65 -5.43 6.41
N TYR B 138 15.89 -4.32 6.36
CA TYR B 138 16.40 -3.08 6.92
C TYR B 138 16.72 -3.19 8.41
N ASP B 139 16.05 -4.07 9.15
CA ASP B 139 16.44 -4.25 10.56
C ASP B 139 17.91 -4.65 10.68
N PHE B 140 18.38 -5.49 9.76
CA PHE B 140 19.76 -5.98 9.79
C PHE B 140 20.73 -4.99 9.15
N GLU B 141 20.27 -4.19 8.17
CA GLU B 141 21.14 -3.15 7.63
C GLU B 141 21.45 -2.09 8.67
N ARG B 142 20.52 -1.83 9.58
CA ARG B 142 20.65 -0.79 10.58
C ARG B 142 21.26 -1.28 11.87
N ASP B 143 21.39 -2.59 12.06
CA ASP B 143 21.93 -3.15 13.30
C ASP B 143 22.79 -4.36 12.91
N ALA B 144 24.10 -4.13 12.74
CA ALA B 144 24.99 -5.22 12.31
C ALA B 144 25.03 -6.35 13.32
N TYR B 145 24.87 -6.04 14.61
CA TYR B 145 24.92 -7.09 15.62
C TYR B 145 23.68 -7.99 15.55
N LEU B 146 22.53 -7.41 15.24
CA LEU B 146 21.34 -8.23 14.99
C LEU B 146 21.59 -9.23 13.87
N LEU B 147 22.25 -8.79 12.79
CA LEU B 147 22.54 -9.71 11.69
C LEU B 147 23.48 -10.82 12.14
N GLN B 148 24.50 -10.48 12.93
CA GLN B 148 25.40 -11.51 13.45
C GLN B 148 24.63 -12.55 14.25
N ARG B 149 23.70 -12.12 15.11
CA ARG B 149 22.94 -13.09 15.90
C ARG B 149 22.07 -13.97 15.02
N MET B 150 21.46 -13.40 13.98
CA MET B 150 20.64 -14.21 13.09
C MET B 150 21.50 -15.23 12.35
N GLU B 151 22.65 -14.81 11.82
CA GLU B 151 23.54 -15.74 11.13
C GLU B 151 23.98 -16.87 12.05
N GLU B 152 24.29 -16.55 13.31
N GLU B 152 24.30 -16.54 13.30
CA GLU B 152 24.76 -17.57 14.25
CA GLU B 152 24.75 -17.56 14.25
C GLU B 152 23.63 -18.50 14.67
C GLU B 152 23.61 -18.52 14.59
N PHE B 153 22.40 -17.99 14.82
CA PHE B 153 21.28 -18.87 15.12
C PHE B 153 21.03 -19.84 13.98
N ILE B 154 20.86 -19.32 12.77
CA ILE B 154 20.57 -20.17 11.62
C ILE B 154 21.70 -21.16 11.38
N GLY B 155 22.94 -20.69 11.43
CA GLY B 155 24.08 -21.52 11.12
C GLY B 155 24.39 -22.58 12.15
N THR B 156 23.72 -22.57 13.30
CA THR B 156 23.93 -23.60 14.31
C THR B 156 22.70 -24.48 14.56
N VAL B 157 21.66 -24.41 13.73
CA VAL B 157 20.55 -25.34 13.86
C VAL B 157 20.99 -26.72 13.38
N ARG B 158 20.82 -27.72 14.23
CA ARG B 158 21.27 -29.08 13.95
C ARG B 158 20.09 -29.97 13.53
N GLY B 159 20.44 -31.14 12.99
CA GLY B 159 19.39 -32.11 12.73
C GLY B 159 18.81 -32.02 11.34
N LYS B 160 18.43 -33.17 10.77
CA LYS B 160 18.19 -33.25 9.35
C LYS B 160 16.83 -32.71 8.92
N ALA B 161 15.84 -32.67 9.82
CA ALA B 161 14.50 -32.26 9.37
C ALA B 161 14.50 -30.81 8.89
N MET B 162 15.30 -29.93 9.49
CA MET B 162 15.36 -28.53 9.11
C MET B 162 16.49 -28.20 8.13
N LYS B 163 17.35 -29.17 7.82
CA LYS B 163 18.62 -28.90 7.14
C LYS B 163 18.45 -28.17 5.81
N LYS B 164 17.48 -28.57 4.99
CA LYS B 164 17.32 -27.92 3.68
C LYS B 164 17.02 -26.43 3.84
N TRP B 165 16.18 -26.07 4.81
CA TRP B 165 15.81 -24.67 4.96
C TRP B 165 16.91 -23.88 5.67
N VAL B 166 17.63 -24.50 6.59
CA VAL B 166 18.75 -23.82 7.26
C VAL B 166 19.84 -23.48 6.24
N GLU B 167 20.19 -24.44 5.39
CA GLU B 167 21.23 -24.17 4.39
C GLU B 167 20.76 -23.11 3.39
N SER B 168 19.47 -23.13 3.05
CA SER B 168 18.93 -22.13 2.13
C SER B 168 18.94 -20.74 2.76
N ILE B 169 18.47 -20.64 4.00
CA ILE B 169 18.39 -19.32 4.64
C ILE B 169 19.78 -18.72 4.83
N THR B 170 20.77 -19.56 5.15
CA THR B 170 22.15 -19.08 5.20
C THR B 170 22.55 -18.42 3.88
N LYS B 171 22.28 -19.09 2.76
CA LYS B 171 22.65 -18.52 1.46
C LYS B 171 21.88 -17.23 1.16
N ILE B 172 20.59 -17.20 1.51
CA ILE B 172 19.77 -16.00 1.25
C ILE B 172 20.33 -14.81 2.02
N ILE B 173 20.71 -15.01 3.28
CA ILE B 173 21.31 -13.94 4.06
C ILE B 173 22.58 -13.44 3.38
N GLN B 174 23.45 -14.34 2.96
CA GLN B 174 24.71 -13.90 2.35
C GLN B 174 24.45 -13.13 1.05
N ARG B 175 23.44 -13.56 0.27
N ARG B 175 23.43 -13.55 0.28
CA ARG B 175 23.07 -12.83 -0.94
CA ARG B 175 23.11 -12.80 -0.95
C ARG B 175 22.56 -11.43 -0.61
C ARG B 175 22.53 -11.43 -0.62
N LYS B 176 21.68 -11.34 0.40
CA LYS B 176 21.10 -10.05 0.78
C LYS B 176 22.17 -9.07 1.25
N LYS B 177 23.28 -9.58 1.79
CA LYS B 177 24.32 -8.68 2.30
C LYS B 177 25.01 -7.92 1.17
N ILE B 178 25.22 -8.56 0.02
CA ILE B 178 25.96 -7.93 -1.07
C ILE B 178 25.03 -7.40 -2.17
N ALA B 179 23.73 -7.37 -1.94
CA ALA B 179 22.79 -6.90 -2.94
C ALA B 179 22.57 -5.40 -2.82
N ASN B 187 15.08 -7.95 -13.67
CA ASN B 187 14.94 -8.54 -14.99
C ASN B 187 13.47 -8.94 -15.25
N ILE B 188 12.89 -8.40 -16.33
CA ILE B 188 11.45 -8.44 -16.56
C ILE B 188 11.18 -9.04 -17.93
N THR B 189 10.17 -9.92 -18.02
CA THR B 189 9.75 -10.51 -19.30
C THR B 189 8.26 -10.28 -19.53
N PHE B 190 7.89 -10.04 -20.81
CA PHE B 190 6.55 -9.56 -21.13
C PHE B 190 5.80 -10.42 -22.15
N GLN B 191 4.48 -10.26 -22.11
CA GLN B 191 3.58 -10.89 -23.07
C GLN B 191 3.65 -10.27 -24.47
N SER B 192 4.36 -9.17 -24.68
CA SER B 192 4.43 -8.52 -25.99
C SER B 192 5.59 -7.52 -25.99
N SER B 193 5.83 -6.93 -27.16
CA SER B 193 6.80 -5.86 -27.27
C SER B 193 6.17 -4.53 -26.89
N PRO B 194 6.93 -3.62 -26.28
CA PRO B 194 6.40 -2.28 -25.98
C PRO B 194 6.16 -1.52 -27.26
N PRO B 195 5.23 -0.56 -27.27
CA PRO B 195 4.99 0.22 -28.48
C PRO B 195 6.18 1.09 -28.84
N THR B 196 6.20 1.54 -30.10
CA THR B 196 7.27 2.39 -30.59
C THR B 196 7.21 3.77 -29.92
N VAL B 197 8.39 4.32 -29.59
CA VAL B 197 8.48 5.66 -29.02
C VAL B 197 8.03 6.68 -30.06
N GLU B 198 7.20 7.64 -29.64
CA GLU B 198 6.64 8.63 -30.57
C GLU B 198 7.34 9.98 -30.43
N TRP B 199 7.54 10.63 -31.58
CA TRP B 199 8.24 11.91 -31.65
C TRP B 199 7.39 12.92 -32.41
N HIS B 200 7.54 14.20 -32.04
CA HIS B 200 6.74 15.30 -32.59
C HIS B 200 7.73 16.31 -33.15
N ILE B 201 7.76 17.54 -32.63
CA ILE B 201 8.66 18.57 -33.17
C ILE B 201 10.10 18.30 -32.75
N SER B 202 10.34 18.06 -31.46
CA SER B 202 11.67 17.66 -31.02
C SER B 202 12.01 16.28 -31.58
N ARG B 203 13.21 16.14 -32.13
CA ARG B 203 13.65 14.87 -32.68
C ARG B 203 14.64 14.18 -31.75
N PRO B 204 14.86 12.87 -31.91
CA PRO B 204 15.75 12.14 -30.99
C PRO B 204 17.12 12.79 -30.88
N GLY B 205 17.60 12.92 -29.65
CA GLY B 205 18.89 13.50 -29.38
C GLY B 205 18.93 15.02 -29.27
N HIS B 206 17.83 15.71 -29.58
CA HIS B 206 17.83 17.16 -29.57
C HIS B 206 17.18 17.70 -28.30
N ILE B 207 17.84 17.36 -27.18
CA ILE B 207 17.29 17.58 -25.85
C ILE B 207 17.11 19.07 -25.57
N GLU B 208 17.89 19.92 -26.23
CA GLU B 208 17.78 21.36 -26.02
C GLU B 208 16.44 21.94 -26.48
N THR B 209 15.73 21.25 -27.37
CA THR B 209 14.42 21.72 -27.83
C THR B 209 13.25 21.11 -27.04
N PHE B 210 13.50 20.14 -26.16
CA PHE B 210 12.41 19.48 -25.43
C PHE B 210 11.61 20.49 -24.63
N ASP B 211 10.29 20.39 -24.70
CA ASP B 211 9.38 21.27 -23.97
C ASP B 211 7.99 20.66 -24.04
N LEU B 212 7.06 21.28 -23.31
CA LEU B 212 5.70 20.76 -23.23
C LEU B 212 5.06 20.54 -24.61
N LEU B 213 5.23 21.50 -25.52
CA LEU B 213 4.54 21.42 -26.81
C LEU B 213 5.36 20.77 -27.92
N THR B 214 6.67 20.59 -27.72
CA THR B 214 7.53 20.03 -28.75
C THR B 214 7.77 18.52 -28.62
N LEU B 215 7.72 17.99 -27.40
CA LEU B 215 7.66 16.54 -27.26
C LEU B 215 6.26 16.04 -27.64
N HIS B 216 6.17 14.76 -28.02
CA HIS B 216 4.88 14.19 -28.36
C HIS B 216 4.07 13.98 -27.09
N PRO B 217 2.80 14.43 -27.03
CA PRO B 217 2.05 14.27 -25.79
C PRO B 217 1.87 12.82 -25.37
N ILE B 218 1.79 11.88 -26.31
CA ILE B 218 1.74 10.46 -25.93
C ILE B 218 3.01 10.07 -25.19
N GLU B 219 4.16 10.53 -25.69
CA GLU B 219 5.43 10.13 -25.11
C GLU B 219 5.71 10.85 -23.81
N ILE B 220 5.26 12.10 -23.67
CA ILE B 220 5.30 12.76 -22.37
C ILE B 220 4.57 11.91 -21.33
N ALA B 221 3.35 11.47 -21.64
CA ALA B 221 2.60 10.69 -20.65
C ALA B 221 3.25 9.34 -20.38
N ARG B 222 3.80 8.70 -21.41
CA ARG B 222 4.47 7.41 -21.21
C ARG B 222 5.70 7.52 -20.31
N GLN B 223 6.56 8.51 -20.60
CA GLN B 223 7.81 8.63 -19.85
C GLN B 223 7.55 9.09 -18.42
N LEU B 224 6.58 10.00 -18.23
CA LEU B 224 6.20 10.36 -16.86
C LEU B 224 5.60 9.18 -16.12
N THR B 225 4.87 8.31 -16.84
CA THR B 225 4.29 7.14 -16.18
C THR B 225 5.38 6.15 -15.75
N LEU B 226 6.38 5.92 -16.61
CA LEU B 226 7.51 5.09 -16.20
C LEU B 226 8.21 5.67 -14.98
N LEU B 227 8.45 6.98 -14.98
CA LEU B 227 9.11 7.64 -13.85
C LEU B 227 8.28 7.52 -12.57
N GLU B 228 6.98 7.81 -12.67
CA GLU B 228 6.11 7.82 -11.51
C GLU B 228 5.84 6.40 -11.01
N SER B 229 5.78 5.42 -11.92
CA SER B 229 5.69 4.02 -11.51
C SER B 229 6.92 3.59 -10.73
N ASP B 230 8.12 3.90 -11.25
CA ASP B 230 9.35 3.57 -10.51
C ASP B 230 9.37 4.23 -9.13
N LEU B 231 8.94 5.50 -9.04
CA LEU B 231 8.92 6.15 -7.73
C LEU B 231 7.92 5.48 -6.80
N TYR B 232 6.74 5.11 -7.32
CA TYR B 232 5.73 4.43 -6.51
C TYR B 232 6.26 3.09 -6.00
N ARG B 233 6.91 2.33 -6.89
CA ARG B 233 7.38 0.99 -6.56
C ARG B 233 8.52 0.99 -5.54
N ALA B 234 9.23 2.11 -5.39
CA ALA B 234 10.38 2.16 -4.50
C ALA B 234 10.02 2.39 -3.04
N VAL B 235 8.77 2.73 -2.72
CA VAL B 235 8.41 3.07 -1.34
C VAL B 235 8.24 1.78 -0.54
N GLN B 236 9.00 1.63 0.55
CA GLN B 236 8.92 0.45 1.41
C GLN B 236 8.05 0.72 2.63
N PRO B 237 7.48 -0.33 3.26
CA PRO B 237 6.66 -0.11 4.46
C PRO B 237 7.41 0.56 5.60
N SER B 238 8.72 0.39 5.68
CA SER B 238 9.51 1.03 6.73
C SER B 238 9.40 2.54 6.67
N GLU B 239 9.06 3.11 5.52
N GLU B 239 9.07 3.12 5.52
CA GLU B 239 8.88 4.55 5.38
CA GLU B 239 8.89 4.55 5.39
C GLU B 239 7.51 5.02 5.85
C GLU B 239 7.51 5.01 5.84
N LEU B 240 6.62 4.08 6.20
CA LEU B 240 5.22 4.40 6.50
C LEU B 240 4.81 4.04 7.92
N VAL B 241 5.21 2.89 8.44
CA VAL B 241 4.74 2.51 9.76
C VAL B 241 5.27 3.49 10.81
N GLY B 242 4.46 3.73 11.84
CA GLY B 242 4.83 4.71 12.83
C GLY B 242 4.68 6.15 12.38
N SER B 243 4.06 6.38 11.22
CA SER B 243 3.81 7.71 10.66
C SER B 243 5.09 8.51 10.50
N VAL B 244 6.21 7.83 10.20
CA VAL B 244 7.51 8.47 10.30
C VAL B 244 7.73 9.53 9.22
N TRP B 245 6.95 9.51 8.13
CA TRP B 245 7.11 10.53 7.09
C TRP B 245 6.57 11.90 7.53
N THR B 246 5.88 11.96 8.67
CA THR B 246 5.38 13.22 9.23
C THR B 246 6.24 13.77 10.35
N LYS B 247 7.23 13.00 10.83
CA LYS B 247 7.97 13.34 12.04
C LYS B 247 9.29 14.06 11.71
N GLU B 248 10.01 14.49 12.75
CA GLU B 248 11.18 15.34 12.55
C GLU B 248 12.27 14.67 11.71
N ASP B 249 12.40 13.35 11.78
CA ASP B 249 13.41 12.62 11.02
C ASP B 249 12.89 12.08 9.68
N LYS B 250 11.85 12.70 9.11
CA LYS B 250 11.23 12.17 7.91
C LYS B 250 12.23 12.05 6.75
N GLU B 251 13.21 12.95 6.64
CA GLU B 251 14.14 12.85 5.51
C GLU B 251 15.02 11.62 5.64
N ILE B 252 15.26 11.16 6.87
CA ILE B 252 16.06 9.95 7.10
C ILE B 252 15.23 8.70 6.88
N ASN B 253 14.00 8.71 7.39
CA ASN B 253 13.20 7.50 7.45
C ASN B 253 12.30 7.30 6.25
N SER B 254 11.96 8.36 5.49
CA SER B 254 11.03 8.22 4.37
C SER B 254 11.56 8.85 3.07
N PRO B 255 12.82 8.60 2.70
CA PRO B 255 13.37 9.30 1.53
C PRO B 255 12.71 8.94 0.19
N ASN B 256 12.32 7.68 -0.01
CA ASN B 256 11.71 7.33 -1.30
C ASN B 256 10.30 7.91 -1.40
N LEU B 257 9.54 7.85 -0.30
CA LEU B 257 8.22 8.49 -0.31
C LEU B 257 8.33 9.97 -0.60
N LEU B 258 9.23 10.67 0.08
CA LEU B 258 9.37 12.11 -0.13
C LEU B 258 9.81 12.45 -1.55
N LYS B 259 10.74 11.66 -2.12
N LYS B 259 10.74 11.66 -2.12
CA LYS B 259 11.13 11.88 -3.51
CA LYS B 259 11.12 11.89 -3.51
C LYS B 259 9.93 11.74 -4.44
C LYS B 259 9.93 11.73 -4.45
N MET B 260 9.08 10.75 -4.18
CA MET B 260 7.89 10.55 -5.00
C MET B 260 6.93 11.73 -4.90
N ILE B 261 6.67 12.20 -3.67
CA ILE B 261 5.75 13.32 -3.51
C ILE B 261 6.34 14.58 -4.14
N ARG B 262 7.65 14.79 -3.99
CA ARG B 262 8.24 16.01 -4.52
C ARG B 262 8.24 16.01 -6.05
N HIS B 263 8.38 14.84 -6.67
CA HIS B 263 8.18 14.77 -8.13
C HIS B 263 6.78 15.21 -8.51
N THR B 264 5.76 14.66 -7.84
CA THR B 264 4.38 15.03 -8.12
C THR B 264 4.16 16.53 -7.97
N THR B 265 4.68 17.11 -6.89
CA THR B 265 4.52 18.54 -6.68
C THR B 265 5.22 19.35 -7.77
N ASN B 266 6.44 18.96 -8.13
CA ASN B 266 7.17 19.68 -9.16
C ASN B 266 6.45 19.64 -10.52
N LEU B 267 5.89 18.48 -10.88
CA LEU B 267 5.19 18.39 -12.16
C LEU B 267 3.93 19.26 -12.16
N THR B 268 3.18 19.25 -11.06
CA THR B 268 2.01 20.12 -10.96
C THR B 268 2.40 21.58 -11.14
N LEU B 269 3.46 22.00 -10.45
CA LEU B 269 3.90 23.39 -10.57
C LEU B 269 4.42 23.70 -11.97
N TRP B 270 5.07 22.72 -12.64
CA TRP B 270 5.50 22.94 -14.01
C TRP B 270 4.33 23.18 -14.95
N PHE B 271 3.26 22.37 -14.80
CA PHE B 271 2.05 22.59 -15.60
C PHE B 271 1.50 23.99 -15.37
N GLU B 272 1.40 24.40 -14.09
CA GLU B 272 0.91 25.76 -13.79
C GLU B 272 1.80 26.82 -14.43
N LYS B 273 3.12 26.65 -14.32
CA LYS B 273 4.05 27.63 -14.88
C LYS B 273 3.95 27.69 -16.40
N CYS B 274 3.85 26.53 -17.06
CA CYS B 274 3.67 26.54 -18.52
C CYS B 274 2.44 27.33 -18.92
N ILE B 275 1.36 27.20 -18.14
CA ILE B 275 0.10 27.87 -18.48
C ILE B 275 0.24 29.37 -18.30
N VAL B 276 0.58 29.83 -17.08
CA VAL B 276 0.50 31.26 -16.79
C VAL B 276 1.64 32.07 -17.40
N GLU B 277 2.76 31.44 -17.78
CA GLU B 277 3.79 32.18 -18.50
C GLU B 277 3.52 32.24 -20.01
N THR B 278 2.44 31.62 -20.48
CA THR B 278 2.00 31.76 -21.87
C THR B 278 0.98 32.88 -21.89
N GLU B 279 1.44 34.10 -22.18
CA GLU B 279 0.58 35.27 -22.02
C GLU B 279 -0.42 35.46 -23.16
N ASN B 280 -0.07 35.07 -24.38
CA ASN B 280 -1.00 35.14 -25.49
C ASN B 280 -2.16 34.15 -25.28
N LEU B 281 -3.41 34.62 -25.41
CA LEU B 281 -4.57 33.78 -25.10
C LEU B 281 -4.63 32.54 -26.01
N GLU B 282 -4.50 32.73 -27.32
CA GLU B 282 -4.58 31.59 -28.23
C GLU B 282 -3.49 30.54 -27.90
N GLU B 283 -2.28 31.00 -27.62
CA GLU B 283 -1.22 30.07 -27.28
C GLU B 283 -1.50 29.37 -25.95
N ARG B 284 -2.08 30.10 -24.99
CA ARG B 284 -2.36 29.48 -23.69
C ARG B 284 -3.47 28.44 -23.80
N VAL B 285 -4.44 28.66 -24.69
CA VAL B 285 -5.44 27.64 -24.95
C VAL B 285 -4.79 26.38 -25.48
N ALA B 286 -3.80 26.53 -26.37
CA ALA B 286 -3.10 25.35 -26.89
C ALA B 286 -2.34 24.63 -25.79
N VAL B 287 -1.74 25.38 -24.86
CA VAL B 287 -1.02 24.76 -23.74
C VAL B 287 -1.97 23.97 -22.84
N VAL B 288 -3.10 24.58 -22.45
CA VAL B 288 -4.04 23.88 -21.58
C VAL B 288 -4.61 22.65 -22.29
N SER B 289 -4.94 22.80 -23.58
N SER B 289 -4.96 22.80 -23.57
CA SER B 289 -5.46 21.68 -24.36
CA SER B 289 -5.46 21.66 -24.36
C SER B 289 -4.44 20.54 -24.41
C SER B 289 -4.43 20.53 -24.39
N ARG B 290 -3.15 20.87 -24.55
CA ARG B 290 -2.13 19.82 -24.61
C ARG B 290 -2.02 19.10 -23.27
N ILE B 291 -2.15 19.83 -22.16
CA ILE B 291 -2.05 19.18 -20.85
C ILE B 291 -3.25 18.26 -20.63
N ILE B 292 -4.44 18.64 -21.12
CA ILE B 292 -5.59 17.76 -21.00
C ILE B 292 -5.41 16.50 -21.87
N GLU B 293 -4.72 16.61 -23.03
CA GLU B 293 -4.41 15.42 -23.79
C GLU B 293 -3.45 14.51 -23.04
N ILE B 294 -2.45 15.08 -22.37
CA ILE B 294 -1.58 14.25 -21.54
C ILE B 294 -2.38 13.54 -20.46
N LEU B 295 -3.34 14.26 -19.86
N LEU B 295 -3.32 14.27 -19.84
CA LEU B 295 -4.21 13.64 -18.85
CA LEU B 295 -4.24 13.68 -18.87
C LEU B 295 -5.00 12.48 -19.45
C LEU B 295 -4.94 12.46 -19.48
N GLN B 296 -5.46 12.61 -20.70
CA GLN B 296 -6.18 11.51 -21.33
C GLN B 296 -5.30 10.26 -21.47
N VAL B 297 -4.02 10.43 -21.82
CA VAL B 297 -3.14 9.27 -21.92
C VAL B 297 -2.82 8.70 -20.53
N PHE B 298 -2.64 9.56 -19.53
CA PHE B 298 -2.50 9.08 -18.15
C PHE B 298 -3.68 8.17 -17.76
N GLN B 299 -4.91 8.61 -18.08
CA GLN B 299 -6.08 7.78 -17.80
C GLN B 299 -6.00 6.44 -18.50
N GLU B 300 -5.59 6.46 -19.79
CA GLU B 300 -5.51 5.21 -20.54
C GLU B 300 -4.48 4.27 -19.95
N LEU B 301 -3.42 4.81 -19.34
CA LEU B 301 -2.35 4.04 -18.72
C LEU B 301 -2.62 3.69 -17.26
N ASN B 302 -3.79 4.06 -16.71
CA ASN B 302 -4.07 3.88 -15.28
C ASN B 302 -3.04 4.58 -14.40
N ASN B 303 -2.48 5.71 -14.86
CA ASN B 303 -1.55 6.44 -14.00
C ASN B 303 -2.37 7.47 -13.24
N PHE B 304 -2.91 7.07 -12.09
CA PHE B 304 -3.78 7.98 -11.35
C PHE B 304 -3.00 9.09 -10.67
N ASN B 305 -1.74 8.83 -10.28
CA ASN B 305 -0.91 9.92 -9.80
C ASN B 305 -0.80 11.02 -10.85
N GLY B 306 -0.57 10.62 -12.11
CA GLY B 306 -0.49 11.60 -13.20
C GLY B 306 -1.80 12.32 -13.45
N VAL B 307 -2.92 11.59 -13.44
CA VAL B 307 -4.23 12.23 -13.58
C VAL B 307 -4.38 13.34 -12.54
N LEU B 308 -4.07 13.03 -11.28
CA LEU B 308 -4.32 14.02 -10.24
C LEU B 308 -3.28 15.14 -10.25
N GLU B 309 -2.06 14.89 -10.75
CA GLU B 309 -1.10 15.97 -10.99
C GLU B 309 -1.72 17.04 -11.90
N VAL B 310 -2.39 16.59 -12.96
CA VAL B 310 -3.01 17.53 -13.90
C VAL B 310 -4.21 18.22 -13.25
N VAL B 311 -5.08 17.43 -12.60
CA VAL B 311 -6.27 18.00 -11.97
C VAL B 311 -5.86 19.04 -10.90
N SER B 312 -4.85 18.73 -10.09
CA SER B 312 -4.38 19.69 -9.09
C SER B 312 -3.91 20.99 -9.75
N ALA B 313 -3.24 20.88 -10.90
CA ALA B 313 -2.77 22.10 -11.57
C ALA B 313 -3.96 22.91 -12.09
N MET B 314 -4.98 22.24 -12.65
CA MET B 314 -6.11 22.95 -13.21
C MET B 314 -6.97 23.60 -12.14
N ASN B 315 -6.92 23.08 -10.92
CA ASN B 315 -7.68 23.64 -9.80
C ASN B 315 -6.85 24.56 -8.92
N SER B 316 -5.59 24.80 -9.27
CA SER B 316 -4.78 25.73 -8.48
C SER B 316 -5.33 27.15 -8.62
N SER B 317 -5.06 27.99 -7.62
CA SER B 317 -5.53 29.38 -7.68
C SER B 317 -5.12 30.11 -8.96
N PRO B 318 -3.88 30.00 -9.48
CA PRO B 318 -3.55 30.75 -10.69
C PRO B 318 -4.27 30.28 -11.93
N VAL B 319 -4.58 28.99 -12.02
CA VAL B 319 -5.13 28.45 -13.27
C VAL B 319 -6.65 28.42 -13.26
N TYR B 320 -7.22 28.07 -12.10
CA TYR B 320 -8.66 27.92 -11.98
C TYR B 320 -9.43 29.16 -12.43
N ARG B 321 -8.85 30.35 -12.22
CA ARG B 321 -9.56 31.60 -12.50
C ARG B 321 -9.46 32.07 -13.95
N LEU B 322 -8.84 31.30 -14.85
CA LEU B 322 -8.60 31.73 -16.23
C LEU B 322 -9.82 31.45 -17.12
N ASP B 323 -10.92 32.13 -16.81
CA ASP B 323 -12.18 31.87 -17.50
C ASP B 323 -12.09 32.07 -19.02
N HIS B 324 -11.31 33.07 -19.47
CA HIS B 324 -11.18 33.28 -20.92
C HIS B 324 -10.48 32.11 -21.59
N THR B 325 -9.57 31.46 -20.88
CA THR B 325 -8.85 30.32 -21.46
C THR B 325 -9.76 29.10 -21.52
N PHE B 326 -10.41 28.76 -20.41
CA PHE B 326 -11.23 27.55 -20.40
C PHE B 326 -12.46 27.70 -21.28
N GLU B 327 -12.89 28.94 -21.56
CA GLU B 327 -14.00 29.15 -22.47
C GLU B 327 -13.71 28.62 -23.87
N GLN B 328 -12.46 28.63 -24.30
CA GLN B 328 -12.12 28.22 -25.65
C GLN B 328 -11.67 26.77 -25.76
N ILE B 329 -11.62 26.05 -24.65
CA ILE B 329 -11.24 24.63 -24.68
C ILE B 329 -12.38 23.83 -25.31
N PRO B 330 -12.09 22.90 -26.22
CA PRO B 330 -13.17 22.10 -26.84
C PRO B 330 -14.01 21.36 -25.82
N SER B 331 -15.30 21.21 -26.14
N SER B 331 -15.28 21.12 -26.18
CA SER B 331 -16.25 20.65 -25.18
CA SER B 331 -16.21 20.44 -25.30
C SER B 331 -15.84 19.25 -24.75
C SER B 331 -15.73 19.05 -24.92
N ARG B 332 -15.30 18.45 -25.67
N ARG B 332 -15.13 18.32 -25.87
CA ARG B 332 -14.89 17.09 -25.30
CA ARG B 332 -14.69 16.97 -25.54
C ARG B 332 -13.79 17.12 -24.25
C ARG B 332 -13.56 16.96 -24.52
N GLN B 333 -12.85 18.07 -24.38
CA GLN B 333 -11.77 18.17 -23.39
C GLN B 333 -12.27 18.70 -22.06
N LYS B 334 -13.26 19.59 -22.08
CA LYS B 334 -13.91 19.98 -20.84
C LYS B 334 -14.50 18.75 -20.14
N LYS B 335 -15.06 17.83 -20.93
CA LYS B 335 -15.66 16.65 -20.34
C LYS B 335 -14.61 15.71 -19.75
N ILE B 336 -13.48 15.56 -20.44
CA ILE B 336 -12.37 14.75 -19.92
C ILE B 336 -11.89 15.30 -18.58
N LEU B 337 -11.70 16.62 -18.52
CA LEU B 337 -11.18 17.21 -17.29
C LEU B 337 -12.21 17.11 -16.16
N GLU B 338 -13.48 17.34 -16.48
CA GLU B 338 -14.54 17.23 -15.48
C GLU B 338 -14.62 15.82 -14.89
N GLU B 339 -14.56 14.80 -15.74
N GLU B 339 -14.61 14.80 -15.75
CA GLU B 339 -14.66 13.44 -15.21
CA GLU B 339 -14.61 13.42 -15.27
C GLU B 339 -13.41 13.03 -14.43
C GLU B 339 -13.44 13.17 -14.34
N ALA B 340 -12.25 13.63 -14.73
CA ALA B 340 -11.07 13.41 -13.90
C ALA B 340 -11.21 14.12 -12.55
N HIS B 341 -11.72 15.35 -12.56
CA HIS B 341 -11.96 16.06 -11.31
C HIS B 341 -12.96 15.31 -10.42
N GLU B 342 -13.98 14.70 -11.03
CA GLU B 342 -14.99 14.00 -10.24
C GLU B 342 -14.42 12.78 -9.53
N LEU B 343 -13.27 12.26 -9.97
CA LEU B 343 -12.64 11.17 -9.24
C LEU B 343 -12.34 11.54 -7.79
N SER B 344 -12.00 12.81 -7.53
CA SER B 344 -11.62 13.22 -6.19
C SER B 344 -12.80 13.64 -5.33
N GLU B 345 -13.96 13.88 -5.92
CA GLU B 345 -15.10 14.38 -5.16
C GLU B 345 -15.58 13.34 -4.14
N ASP B 346 -16.31 13.82 -3.13
CA ASP B 346 -16.87 12.97 -2.08
C ASP B 346 -15.82 12.07 -1.46
N HIS B 347 -14.68 12.66 -1.09
CA HIS B 347 -13.60 11.95 -0.42
C HIS B 347 -13.10 10.79 -1.29
N TYR B 348 -12.88 11.09 -2.58
CA TYR B 348 -12.27 10.18 -3.55
C TYR B 348 -13.13 8.95 -3.83
N LYS B 349 -14.44 9.07 -3.70
CA LYS B 349 -15.30 7.90 -3.85
C LYS B 349 -15.12 7.23 -5.21
N LYS B 350 -15.15 8.01 -6.30
CA LYS B 350 -15.05 7.41 -7.63
C LYS B 350 -13.63 6.95 -7.94
N TYR B 351 -12.62 7.65 -7.42
CA TYR B 351 -11.25 7.18 -7.58
C TYR B 351 -11.07 5.79 -6.95
N LEU B 352 -11.56 5.63 -5.72
CA LEU B 352 -11.34 4.36 -5.02
C LEU B 352 -12.02 3.22 -5.77
N ALA B 353 -13.24 3.46 -6.26
CA ALA B 353 -13.94 2.46 -7.06
C ALA B 353 -13.21 2.17 -8.36
N LYS B 354 -12.65 3.19 -9.01
CA LYS B 354 -11.96 2.97 -10.27
C LYS B 354 -10.66 2.18 -10.07
N LEU B 355 -9.90 2.54 -9.03
CA LEU B 355 -8.65 1.83 -8.74
C LEU B 355 -8.90 0.34 -8.57
N ARG B 356 -9.97 -0.02 -7.85
CA ARG B 356 -10.31 -1.40 -7.56
C ARG B 356 -10.94 -2.12 -8.73
N SER B 357 -11.23 -1.43 -9.84
CA SER B 357 -11.82 -2.09 -10.99
C SER B 357 -10.86 -2.26 -12.17
N ILE B 358 -9.75 -1.51 -12.24
CA ILE B 358 -8.93 -1.55 -13.44
C ILE B 358 -8.06 -2.80 -13.48
N ASN B 359 -7.43 -3.04 -14.65
CA ASN B 359 -6.46 -4.10 -14.82
C ASN B 359 -5.07 -3.50 -14.71
N PRO B 360 -4.29 -3.83 -13.69
CA PRO B 360 -2.94 -3.26 -13.56
C PRO B 360 -2.08 -3.65 -14.74
N PRO B 361 -0.93 -2.97 -14.95
CA PRO B 361 -0.27 -1.99 -14.08
C PRO B 361 -1.01 -0.66 -13.93
N CYS B 362 -0.82 -0.04 -12.77
CA CYS B 362 -1.35 1.29 -12.50
C CYS B 362 -0.34 2.02 -11.62
N VAL B 363 -0.54 3.32 -11.47
CA VAL B 363 0.17 4.11 -10.48
C VAL B 363 -0.87 4.75 -9.56
N PRO B 364 -1.06 4.22 -8.36
CA PRO B 364 -2.02 4.82 -7.43
C PRO B 364 -1.60 6.21 -6.99
N PHE B 365 -2.59 6.98 -6.54
CA PHE B 365 -2.32 8.19 -5.77
C PHE B 365 -1.98 7.80 -4.33
N PHE B 366 -0.79 8.19 -3.84
CA PHE B 366 -0.34 7.73 -2.53
C PHE B 366 -1.01 8.47 -1.36
N GLY B 367 -1.51 9.69 -1.59
CA GLY B 367 -1.94 10.53 -0.47
C GLY B 367 -3.04 9.92 0.38
N ILE B 368 -3.97 9.19 -0.23
CA ILE B 368 -5.06 8.59 0.54
C ILE B 368 -4.51 7.55 1.49
N TYR B 369 -3.54 6.74 1.02
CA TYR B 369 -2.91 5.76 1.89
C TYR B 369 -2.24 6.42 3.09
N LEU B 370 -1.56 7.54 2.86
CA LEU B 370 -0.88 8.23 3.96
C LEU B 370 -1.88 8.72 5.01
N THR B 371 -2.96 9.36 4.57
CA THR B 371 -3.96 9.81 5.52
C THR B 371 -4.56 8.64 6.30
N ASN B 372 -4.83 7.52 5.62
CA ASN B 372 -5.45 6.40 6.32
C ASN B 372 -4.50 5.73 7.29
N ILE B 373 -3.21 5.61 6.95
CA ILE B 373 -2.25 5.06 7.90
C ILE B 373 -2.13 5.97 9.12
N LEU B 374 -1.97 7.27 8.87
N LEU B 374 -1.97 7.27 8.87
CA LEU B 374 -1.80 8.22 9.98
CA LEU B 374 -1.80 8.22 9.98
C LEU B 374 -3.00 8.21 10.93
C LEU B 374 -3.00 8.18 10.92
N LYS B 375 -4.22 8.22 10.37
CA LYS B 375 -5.41 8.29 11.21
C LYS B 375 -5.64 6.97 11.94
N THR B 376 -5.31 5.85 11.31
CA THR B 376 -5.38 4.55 12.02
C THR B 376 -4.42 4.54 13.21
N GLU B 377 -3.21 5.04 13.01
N GLU B 377 -3.22 5.08 13.03
CA GLU B 377 -2.24 5.09 14.09
CA GLU B 377 -2.26 5.05 14.13
C GLU B 377 -2.71 6.03 15.20
C GLU B 377 -2.60 6.07 15.21
N GLU B 378 -3.18 7.20 14.83
CA GLU B 378 -3.53 8.22 15.81
C GLU B 378 -4.85 7.91 16.53
N GLY B 379 -5.76 7.20 15.87
CA GLY B 379 -7.10 6.99 16.39
C GLY B 379 -7.34 5.70 17.15
N ASN B 380 -6.30 4.86 17.36
CA ASN B 380 -6.45 3.62 18.09
C ASN B 380 -5.36 3.51 19.15
N PRO B 381 -5.65 2.92 20.30
CA PRO B 381 -4.65 2.82 21.37
C PRO B 381 -3.63 1.72 21.12
N GLU B 382 -2.42 1.93 21.65
CA GLU B 382 -1.37 0.92 21.53
C GLU B 382 -1.70 -0.34 22.31
N VAL B 383 -2.36 -0.21 23.46
CA VAL B 383 -2.64 -1.37 24.31
C VAL B 383 -4.12 -1.37 24.68
N LEU B 384 -4.61 -2.56 25.01
CA LEU B 384 -5.92 -2.71 25.62
C LEU B 384 -5.73 -3.22 27.05
N LYS B 385 -6.46 -2.64 27.99
CA LYS B 385 -6.37 -3.03 29.39
C LYS B 385 -7.49 -4.00 29.71
N ARG B 386 -7.11 -5.21 30.16
CA ARG B 386 -8.07 -6.28 30.44
C ARG B 386 -7.60 -7.02 31.67
N HIS B 387 -8.47 -7.14 32.68
CA HIS B 387 -8.20 -7.94 33.88
C HIS B 387 -6.88 -7.52 34.54
N GLY B 388 -6.62 -6.22 34.56
CA GLY B 388 -5.39 -5.70 35.12
C GLY B 388 -4.15 -5.85 34.26
N LYS B 389 -4.25 -6.46 33.08
CA LYS B 389 -3.09 -6.66 32.21
C LYS B 389 -3.15 -5.68 31.05
N GLU B 390 -1.99 -5.33 30.51
CA GLU B 390 -1.93 -4.54 29.30
C GLU B 390 -1.62 -5.48 28.13
N LEU B 391 -2.55 -5.58 27.19
CA LEU B 391 -2.38 -6.43 26.01
C LEU B 391 -2.07 -5.55 24.81
N ILE B 392 -1.16 -6.03 23.95
CA ILE B 392 -0.89 -5.32 22.70
C ILE B 392 -2.15 -5.31 21.84
N ASN B 393 -2.54 -4.12 21.39
CA ASN B 393 -3.71 -3.97 20.51
C ASN B 393 -3.29 -4.38 19.11
N PHE B 394 -3.45 -5.65 18.76
CA PHE B 394 -2.97 -6.10 17.45
C PHE B 394 -3.93 -5.73 16.31
N SER B 395 -5.23 -5.57 16.60
N SER B 395 -5.22 -5.57 16.61
N SER B 395 -5.22 -5.56 16.60
CA SER B 395 -6.15 -5.16 15.56
CA SER B 395 -6.18 -5.14 15.60
CA SER B 395 -6.15 -5.16 15.53
C SER B 395 -5.70 -3.86 14.90
C SER B 395 -5.72 -3.86 14.92
C SER B 395 -5.76 -3.83 14.91
N LYS B 396 -5.14 -2.93 15.69
CA LYS B 396 -4.67 -1.67 15.12
C LYS B 396 -3.52 -1.91 14.13
N ARG B 397 -2.62 -2.84 14.46
CA ARG B 397 -1.51 -3.16 13.56
C ARG B 397 -2.00 -3.88 12.31
N ARG B 398 -3.00 -4.75 12.46
CA ARG B 398 -3.56 -5.40 11.28
C ARG B 398 -4.16 -4.38 10.32
N LYS B 399 -4.84 -3.36 10.83
CA LYS B 399 -5.40 -2.33 9.96
C LYS B 399 -4.32 -1.58 9.19
N VAL B 400 -3.21 -1.26 9.86
CA VAL B 400 -2.11 -0.59 9.17
C VAL B 400 -1.54 -1.50 8.08
N ALA B 401 -1.33 -2.77 8.41
CA ALA B 401 -0.76 -3.71 7.44
C ALA B 401 -1.73 -4.05 6.30
N GLU B 402 -3.04 -3.89 6.52
CA GLU B 402 -3.94 -4.02 5.38
C GLU B 402 -3.68 -2.93 4.36
N ILE B 403 -3.34 -1.73 4.83
CA ILE B 403 -3.04 -0.64 3.91
C ILE B 403 -1.69 -0.85 3.23
N THR B 404 -0.65 -1.21 4.01
CA THR B 404 0.64 -1.45 3.36
C THR B 404 0.56 -2.64 2.41
N GLY B 405 -0.28 -3.63 2.71
CA GLY B 405 -0.46 -4.73 1.78
C GLY B 405 -1.10 -4.31 0.46
N GLU B 406 -2.07 -3.39 0.54
N GLU B 406 -2.08 -3.41 0.53
CA GLU B 406 -2.71 -2.86 -0.67
CA GLU B 406 -2.67 -2.90 -0.70
C GLU B 406 -1.71 -2.07 -1.52
C GLU B 406 -1.63 -2.15 -1.52
N ILE B 407 -0.85 -1.29 -0.86
CA ILE B 407 0.21 -0.58 -1.56
C ILE B 407 1.12 -1.57 -2.28
N GLN B 408 1.58 -2.60 -1.57
CA GLN B 408 2.50 -3.57 -2.15
C GLN B 408 1.88 -4.30 -3.33
N GLN B 409 0.57 -4.59 -3.26
CA GLN B 409 -0.05 -5.35 -4.35
C GLN B 409 0.07 -4.60 -5.67
N TYR B 410 -0.08 -3.27 -5.65
CA TYR B 410 0.05 -2.49 -6.90
C TYR B 410 1.50 -2.20 -7.27
N GLN B 411 2.47 -2.55 -6.41
CA GLN B 411 3.89 -2.37 -6.76
C GLN B 411 4.45 -3.53 -7.58
N ASN B 412 3.67 -4.60 -7.82
CA ASN B 412 4.26 -5.77 -8.43
C ASN B 412 4.32 -5.67 -9.95
N GLN B 413 3.31 -5.07 -10.59
CA GLN B 413 3.12 -5.20 -12.03
C GLN B 413 3.92 -4.12 -12.78
N PRO B 414 4.82 -4.49 -13.68
CA PRO B 414 5.60 -3.50 -14.43
C PRO B 414 4.91 -3.03 -15.71
N TYR B 415 5.21 -1.80 -16.12
CA TYR B 415 4.68 -1.28 -17.38
C TYR B 415 5.47 -1.79 -18.57
N CYS B 416 4.75 -2.17 -19.63
CA CYS B 416 5.37 -2.60 -20.89
C CYS B 416 5.52 -1.38 -21.80
N LEU B 417 6.45 -0.51 -21.43
CA LEU B 417 6.77 0.72 -22.15
C LEU B 417 8.28 0.87 -22.18
N ARG B 418 8.80 1.39 -23.29
CA ARG B 418 10.24 1.57 -23.43
C ARG B 418 10.69 2.90 -22.84
N VAL B 419 11.78 2.88 -22.06
CA VAL B 419 12.37 4.12 -21.57
C VAL B 419 13.04 4.87 -22.72
N GLU B 420 12.86 6.19 -22.76
CA GLU B 420 13.65 7.07 -23.62
C GLU B 420 14.53 7.90 -22.70
N SER B 421 15.84 7.62 -22.71
N SER B 421 15.84 7.61 -22.69
CA SER B 421 16.73 8.14 -21.66
CA SER B 421 16.70 8.13 -21.64
C SER B 421 16.76 9.66 -21.64
C SER B 421 16.78 9.66 -21.64
N ASP B 422 16.72 10.30 -22.82
CA ASP B 422 16.78 11.76 -22.85
C ASP B 422 15.48 12.38 -22.33
N ILE B 423 14.32 11.85 -22.72
CA ILE B 423 13.08 12.39 -22.19
C ILE B 423 12.99 12.13 -20.70
N LYS B 424 13.40 10.95 -20.25
N LYS B 424 13.40 10.95 -20.26
CA LYS B 424 13.44 10.65 -18.82
CA LYS B 424 13.45 10.63 -18.83
C LYS B 424 14.29 11.66 -18.07
C LYS B 424 14.29 11.66 -18.08
N ARG B 425 15.48 11.96 -18.59
CA ARG B 425 16.37 12.93 -17.94
C ARG B 425 15.73 14.32 -17.90
N PHE B 426 15.08 14.72 -19.00
CA PHE B 426 14.40 16.02 -19.04
C PHE B 426 13.40 16.15 -17.88
N PHE B 427 12.59 15.12 -17.66
CA PHE B 427 11.61 15.22 -16.60
C PHE B 427 12.22 15.03 -15.22
N GLU B 428 13.31 14.26 -15.12
CA GLU B 428 13.99 14.15 -13.82
C GLU B 428 14.60 15.48 -13.39
N ASN B 429 15.01 16.31 -14.33
CA ASN B 429 15.71 17.55 -14.03
C ASN B 429 14.81 18.76 -14.02
N LEU B 430 13.52 18.59 -14.29
CA LEU B 430 12.56 19.69 -14.22
C LEU B 430 12.63 20.38 -12.87
N ASN B 431 12.70 21.72 -12.88
CA ASN B 431 12.83 22.48 -11.64
C ASN B 431 12.13 23.83 -11.80
N PRO B 432 10.79 23.83 -11.85
CA PRO B 432 10.09 25.09 -12.15
C PRO B 432 10.33 26.19 -11.14
N MET B 433 10.54 25.86 -9.86
CA MET B 433 10.76 26.90 -8.86
C MET B 433 12.15 27.53 -8.94
N GLY B 434 13.10 26.89 -9.63
CA GLY B 434 14.44 27.47 -9.65
C GLY B 434 15.02 27.57 -8.25
N ASN B 435 15.68 28.71 -7.95
CA ASN B 435 16.18 28.94 -6.59
C ASN B 435 15.17 29.64 -5.69
N SER B 436 13.94 29.86 -6.14
CA SER B 436 12.97 30.61 -5.35
C SER B 436 12.38 29.75 -4.25
N MET B 437 12.01 30.40 -3.15
CA MET B 437 11.26 29.71 -2.12
C MET B 437 9.79 29.56 -2.53
N GLU B 438 9.08 28.67 -1.83
CA GLU B 438 7.73 28.27 -2.24
C GLU B 438 6.78 29.47 -2.28
N LYS B 439 6.78 30.29 -1.23
CA LYS B 439 5.83 31.39 -1.17
C LYS B 439 6.08 32.40 -2.30
N GLU B 440 7.34 32.78 -2.51
CA GLU B 440 7.60 33.75 -3.56
C GLU B 440 7.27 33.18 -4.94
N PHE B 441 7.48 31.88 -5.14
CA PHE B 441 7.16 31.29 -6.43
C PHE B 441 5.65 31.19 -6.65
N THR B 442 4.89 30.75 -5.64
CA THR B 442 3.45 30.64 -5.89
C THR B 442 2.79 32.02 -5.96
N ASP B 443 3.34 33.02 -5.25
CA ASP B 443 2.87 34.40 -5.45
C ASP B 443 3.19 34.88 -6.86
N TYR B 444 4.36 34.50 -7.38
CA TYR B 444 4.69 34.87 -8.75
C TYR B 444 3.69 34.29 -9.74
N LEU B 445 3.33 33.02 -9.58
CA LEU B 445 2.36 32.39 -10.49
C LEU B 445 1.01 33.08 -10.42
N PHE B 446 0.58 33.47 -9.21
CA PHE B 446 -0.72 34.13 -9.10
C PHE B 446 -0.67 35.52 -9.70
N ASN B 447 0.43 36.24 -9.50
CA ASN B 447 0.55 37.57 -10.12
C ASN B 447 0.60 37.48 -11.63
N LYS B 448 1.22 36.43 -12.19
N LYS B 448 1.20 36.42 -12.17
CA LYS B 448 1.16 36.25 -13.64
CA LYS B 448 1.18 36.18 -13.61
C LYS B 448 -0.28 36.02 -14.09
C LYS B 448 -0.24 35.96 -14.11
N SER B 449 -1.04 35.21 -13.34
CA SER B 449 -2.44 34.98 -13.68
C SER B 449 -3.21 36.30 -13.71
N LEU B 450 -3.00 37.15 -12.71
CA LEU B 450 -3.68 38.45 -12.71
C LEU B 450 -3.24 39.32 -13.87
N GLU B 451 -1.98 39.21 -14.28
CA GLU B 451 -1.50 39.98 -15.42
C GLU B 451 -2.20 39.56 -16.72
N ILE B 452 -2.27 38.26 -16.98
CA ILE B 452 -2.76 37.78 -18.27
C ILE B 452 -4.29 37.78 -18.36
N GLU B 453 -5.01 37.65 -17.24
CA GLU B 453 -6.46 37.78 -17.23
C GLU B 453 -6.84 38.57 -16.00
N PRO B 454 -6.84 39.90 -16.10
CA PRO B 454 -7.10 40.75 -14.92
C PRO B 454 -8.50 40.54 -14.35
N ARG B 455 -8.63 40.84 -13.06
N ARG B 455 -8.63 40.83 -13.05
CA ARG B 455 -9.93 40.78 -12.40
CA ARG B 455 -9.92 40.80 -12.39
C ARG B 455 -10.89 41.80 -13.02
C ARG B 455 -10.88 41.80 -13.03
N ASN B 456 -12.13 41.38 -13.22
CA ASN B 456 -13.14 42.32 -13.67
C ASN B 456 -13.26 43.46 -12.66
N PRO B 457 -13.52 44.70 -13.12
CA PRO B 457 -13.85 45.10 -14.49
C PRO B 457 -12.65 45.54 -15.34
N LYS B 458 -11.42 45.21 -14.92
CA LYS B 458 -10.27 45.58 -15.72
C LYS B 458 -10.35 44.91 -17.09
N PRO B 459 -9.95 45.60 -18.15
CA PRO B 459 -10.07 45.02 -19.48
C PRO B 459 -9.02 43.95 -19.74
N LEU B 460 -9.36 43.03 -20.63
CA LEU B 460 -8.45 41.96 -20.99
C LEU B 460 -7.42 42.49 -21.98
N PRO B 461 -6.13 42.48 -21.64
CA PRO B 461 -5.10 42.92 -22.58
C PRO B 461 -4.82 41.88 -23.65
N ARG B 462 -4.06 42.30 -24.65
CA ARG B 462 -3.52 41.42 -25.69
C ARG B 462 -2.04 41.24 -25.44
N PHE B 463 -1.49 40.08 -25.81
CA PHE B 463 -0.07 39.81 -25.62
C PHE B 463 0.50 39.16 -26.88
N PRO B 464 1.79 39.40 -27.16
CA PRO B 464 2.40 38.78 -28.34
C PRO B 464 2.64 37.29 -28.15
N LYS B 465 2.69 36.58 -29.28
CA LYS B 465 3.00 35.16 -29.28
C LYS B 465 4.44 34.91 -28.84
N LYS B 466 4.68 33.77 -28.21
CA LYS B 466 6.03 33.39 -27.77
C LYS B 466 6.58 32.16 -28.46
N TYR B 467 5.76 31.36 -29.13
CA TYR B 467 6.20 30.10 -29.74
C TYR B 467 6.35 30.28 -31.24
N SER B 468 7.48 29.85 -31.80
CA SER B 468 7.73 30.00 -33.23
C SER B 468 7.36 28.76 -34.04
N TYR B 469 6.99 27.67 -33.39
CA TYR B 469 6.67 26.41 -34.04
C TYR B 469 5.16 26.18 -34.05
N PRO B 470 4.66 25.22 -34.83
CA PRO B 470 3.21 25.00 -34.90
C PRO B 470 2.65 24.58 -33.55
N LEU B 471 1.46 25.08 -33.23
CA LEU B 471 0.76 24.75 -32.00
C LEU B 471 -0.19 23.56 -32.16
N LYS B 472 -0.43 23.10 -33.39
CA LYS B 472 -1.38 22.03 -33.59
C LYS B 472 -0.88 20.73 -32.95
N SER B 473 -1.72 20.10 -32.14
CA SER B 473 -1.34 18.86 -31.51
C SER B 473 -1.29 17.71 -32.52
N PRO B 474 -0.34 16.79 -32.39
CA PRO B 474 -0.43 15.56 -33.19
C PRO B 474 -1.49 14.59 -32.70
N GLY B 475 -2.16 14.89 -31.58
CA GLY B 475 -3.18 14.01 -31.03
C GLY B 475 -2.60 12.91 -30.15
N VAL B 476 -3.48 12.12 -29.53
CA VAL B 476 -3.02 11.11 -28.59
C VAL B 476 -3.40 9.69 -29.03
N ARG B 477 -3.73 9.49 -30.29
CA ARG B 477 -3.86 8.11 -30.74
C ARG B 477 -2.53 7.63 -31.33
N PRO B 478 -2.03 6.47 -30.92
CA PRO B 478 -0.68 6.06 -31.34
C PRO B 478 -0.62 5.63 -32.80
N SER B 479 0.58 5.75 -33.36
CA SER B 479 0.86 5.38 -34.75
C SER B 479 1.67 4.09 -34.76
N ASN B 480 1.64 3.39 -35.89
CA ASN B 480 2.35 2.11 -35.98
C ASN B 480 2.82 1.88 -37.41
N PRO B 481 4.03 2.31 -37.73
CA PRO B 481 4.65 1.90 -39.01
C PRO B 481 5.09 0.44 -38.93
N ARG B 482 5.41 -0.12 -40.09
CA ARG B 482 5.85 -1.52 -40.11
C ARG B 482 7.21 -1.62 -39.41
N GLY C 1 -33.31 18.28 2.78
CA GLY C 1 -33.77 18.42 4.14
C GLY C 1 -32.87 19.28 5.00
N MET C 2 -31.96 18.65 5.73
CA MET C 2 -31.11 19.37 6.66
C MET C 2 -29.88 19.92 5.94
N THR C 3 -29.38 21.04 6.46
CA THR C 3 -28.20 21.67 5.89
C THR C 3 -26.96 20.83 6.12
N GLU C 4 -26.11 20.76 5.10
CA GLU C 4 -24.81 20.11 5.21
C GLU C 4 -23.73 21.18 5.13
N TYR C 5 -22.78 21.14 6.07
CA TYR C 5 -21.66 22.09 6.08
C TYR C 5 -20.38 21.35 5.72
N LYS C 6 -19.68 21.87 4.72
CA LYS C 6 -18.40 21.30 4.31
C LYS C 6 -17.28 22.06 5.02
N LEU C 7 -16.65 21.40 5.99
CA LEU C 7 -15.59 21.97 6.80
C LEU C 7 -14.25 21.37 6.40
N VAL C 8 -13.20 22.19 6.45
CA VAL C 8 -11.85 21.77 6.07
C VAL C 8 -10.90 22.11 7.21
N VAL C 9 -10.11 21.11 7.63
CA VAL C 9 -9.07 21.27 8.66
C VAL C 9 -7.75 21.53 7.95
N VAL C 10 -7.05 22.60 8.33
CA VAL C 10 -5.74 22.90 7.76
C VAL C 10 -4.75 23.17 8.89
N GLY C 11 -3.47 22.92 8.63
CA GLY C 11 -2.45 23.19 9.62
C GLY C 11 -1.24 22.31 9.42
N ALA C 12 -0.18 22.67 10.14
CA ALA C 12 1.10 21.96 10.02
C ALA C 12 0.95 20.48 10.35
N GLY C 13 1.77 19.65 9.67
CA GLY C 13 1.78 18.23 9.94
C GLY C 13 2.67 17.84 11.13
N GLY C 14 2.54 16.59 11.53
CA GLY C 14 3.44 16.01 12.51
C GLY C 14 3.22 16.45 13.95
N VAL C 15 2.15 17.19 14.23
CA VAL C 15 1.94 17.72 15.58
C VAL C 15 0.52 17.45 16.07
N GLY C 16 -0.07 16.32 15.67
CA GLY C 16 -1.31 15.86 16.27
C GLY C 16 -2.60 16.49 15.74
N LYS C 17 -2.54 17.20 14.61
CA LYS C 17 -3.72 17.83 14.02
C LYS C 17 -4.90 16.87 13.85
N SER C 18 -4.63 15.61 13.45
CA SER C 18 -5.71 14.68 13.13
C SER C 18 -6.56 14.31 14.34
N ALA C 19 -6.07 14.56 15.56
CA ALA C 19 -6.82 14.17 16.75
C ALA C 19 -8.13 14.95 16.87
N LEU C 20 -8.17 16.16 16.31
N LEU C 20 -8.19 16.14 16.28
CA LEU C 20 -9.37 16.99 16.39
CA LEU C 20 -9.38 16.98 16.42
C LEU C 20 -10.58 16.26 15.78
C LEU C 20 -10.60 16.32 15.76
N THR C 21 -10.48 15.91 14.50
CA THR C 21 -11.60 15.31 13.81
C THR C 21 -11.87 13.89 14.30
N ILE C 22 -10.80 13.13 14.60
CA ILE C 22 -10.99 11.78 15.13
C ILE C 22 -11.81 11.83 16.42
N GLN C 23 -11.46 12.74 17.33
CA GLN C 23 -12.19 12.78 18.60
C GLN C 23 -13.62 13.24 18.42
N LEU C 24 -13.87 14.15 17.47
CA LEU C 24 -15.24 14.57 17.19
C LEU C 24 -16.07 13.41 16.68
N ILE C 25 -15.63 12.81 15.56
CA ILE C 25 -16.40 11.79 14.83
C ILE C 25 -16.48 10.51 15.63
N GLN C 26 -15.44 10.24 16.43
CA GLN C 26 -15.30 8.98 17.14
C GLN C 26 -16.60 8.65 17.85
N ASN C 27 -16.85 7.35 17.96
CA ASN C 27 -17.52 6.84 19.15
C ASN C 27 -16.86 7.62 20.28
N HIS C 28 -17.53 8.67 20.77
CA HIS C 28 -16.92 9.52 21.80
C HIS C 28 -16.33 8.66 22.92
N PHE C 29 -17.03 7.60 23.30
CA PHE C 29 -16.70 6.81 24.49
C PHE C 29 -16.05 5.47 24.20
N VAL C 30 -15.70 5.16 22.96
CA VAL C 30 -14.78 4.05 22.69
C VAL C 30 -13.65 4.59 21.83
N ASP C 31 -12.43 4.46 22.33
CA ASP C 31 -11.26 5.02 21.66
C ASP C 31 -10.85 4.04 20.56
N GLU C 32 -11.47 4.23 19.38
CA GLU C 32 -11.32 3.33 18.24
C GLU C 32 -11.59 4.13 16.97
N TYR C 33 -11.07 3.64 15.84
CA TYR C 33 -11.24 4.38 14.59
C TYR C 33 -10.84 3.53 13.39
N ASP C 34 -11.67 3.54 12.36
CA ASP C 34 -11.29 3.05 11.03
C ASP C 34 -11.57 4.16 10.03
N PRO C 35 -10.53 4.88 9.57
CA PRO C 35 -10.77 6.00 8.63
C PRO C 35 -11.16 5.55 7.25
N THR C 36 -10.95 4.27 6.90
CA THR C 36 -11.32 3.82 5.57
C THR C 36 -12.82 3.63 5.43
N ILE C 37 -13.56 3.70 6.53
CA ILE C 37 -14.98 3.40 6.51
C ILE C 37 -15.72 4.59 5.94
N GLU C 38 -16.41 4.34 4.82
CA GLU C 38 -17.39 5.24 4.23
C GLU C 38 -18.09 6.05 5.32
N ASP C 39 -17.88 7.36 5.28
CA ASP C 39 -18.52 8.28 6.21
C ASP C 39 -17.99 8.11 7.63
N SER C 40 -16.66 7.99 7.74
N SER C 40 -16.66 7.99 7.74
CA SER C 40 -15.94 8.22 8.99
CA SER C 40 -15.98 8.22 9.01
C SER C 40 -15.62 9.69 9.17
C SER C 40 -15.62 9.69 9.17
N TYR C 41 -16.21 10.55 8.34
CA TYR C 41 -15.92 11.98 8.34
C TYR C 41 -17.22 12.75 8.16
N ARG C 42 -18.37 12.11 8.38
CA ARG C 42 -19.68 12.73 8.37
C ARG C 42 -20.35 12.49 9.72
N LYS C 43 -20.99 13.53 10.24
CA LYS C 43 -21.60 13.45 11.56
C LYS C 43 -22.80 14.38 11.60
N GLN C 44 -23.95 13.83 11.98
CA GLN C 44 -25.16 14.61 12.22
C GLN C 44 -25.12 15.14 13.64
N VAL C 45 -25.33 16.44 13.81
CA VAL C 45 -25.23 17.11 15.09
C VAL C 45 -26.37 18.11 15.23
N VAL C 46 -26.63 18.53 16.47
CA VAL C 46 -27.61 19.56 16.77
C VAL C 46 -26.88 20.75 17.38
N ILE C 47 -26.91 21.88 16.69
CA ILE C 47 -26.21 23.10 17.11
C ILE C 47 -27.24 24.20 17.29
N ASP C 48 -27.37 24.69 18.52
CA ASP C 48 -28.35 25.73 18.86
C ASP C 48 -29.75 25.30 18.46
N GLY C 49 -30.06 24.02 18.67
CA GLY C 49 -31.37 23.48 18.39
C GLY C 49 -31.64 23.15 16.94
N GLU C 50 -30.69 23.37 16.04
CA GLU C 50 -30.89 23.10 14.61
C GLU C 50 -30.01 21.93 14.18
N THR C 51 -30.65 20.87 13.69
CA THR C 51 -29.95 19.68 13.26
C THR C 51 -29.27 19.91 11.91
N CYS C 52 -28.03 19.48 11.79
CA CYS C 52 -27.30 19.60 10.53
C CYS C 52 -26.31 18.46 10.40
N LEU C 53 -25.71 18.37 9.21
CA LEU C 53 -24.74 17.35 8.88
C LEU C 53 -23.39 18.01 8.63
N LEU C 54 -22.36 17.55 9.35
CA LEU C 54 -21.00 18.02 9.12
C LEU C 54 -20.27 17.04 8.21
N ASP C 55 -19.67 17.56 7.16
CA ASP C 55 -18.76 16.78 6.31
C ASP C 55 -17.38 17.39 6.50
N ILE C 56 -16.45 16.63 7.07
CA ILE C 56 -15.16 17.20 7.47
C ILE C 56 -14.07 16.61 6.60
N LEU C 57 -13.32 17.48 5.92
CA LEU C 57 -12.15 17.08 5.16
C LEU C 57 -10.91 17.36 5.99
N ASP C 58 -10.16 16.30 6.32
CA ASP C 58 -8.89 16.43 7.05
C ASP C 58 -7.89 15.56 6.30
N THR C 59 -7.01 16.20 5.51
CA THR C 59 -6.02 15.48 4.72
C THR C 59 -4.71 15.28 5.48
N ALA C 60 -4.77 15.23 6.80
CA ALA C 60 -3.59 14.97 7.63
C ALA C 60 -2.75 13.85 7.06
N GLY C 61 -1.43 14.09 6.97
CA GLY C 61 -0.50 13.17 6.36
C GLY C 61 -0.10 13.52 4.93
N GLN C 62 -0.88 14.35 4.26
CA GLN C 62 -0.60 14.76 2.89
C GLN C 62 0.04 16.13 2.79
N GLU C 63 0.63 16.63 3.88
CA GLU C 63 1.13 18.00 3.88
C GLU C 63 2.20 18.23 2.82
N GLU C 64 2.97 17.19 2.47
CA GLU C 64 4.02 17.39 1.48
C GLU C 64 3.46 17.59 0.06
N TYR C 65 2.21 17.20 -0.20
CA TYR C 65 1.56 17.48 -1.49
C TYR C 65 1.08 18.94 -1.51
N SER C 66 2.03 19.86 -1.48
CA SER C 66 1.69 21.26 -1.26
C SER C 66 0.94 21.87 -2.44
N ALA C 67 1.11 21.33 -3.65
CA ALA C 67 0.40 21.90 -4.77
C ALA C 67 -1.04 21.42 -4.86
N MET C 68 -1.47 20.52 -3.97
CA MET C 68 -2.86 20.09 -3.91
C MET C 68 -3.69 20.90 -2.93
N ARG C 69 -3.06 21.78 -2.15
CA ARG C 69 -3.78 22.48 -1.09
C ARG C 69 -4.90 23.34 -1.63
N ASP C 70 -4.65 24.06 -2.73
CA ASP C 70 -5.70 24.90 -3.32
C ASP C 70 -6.95 24.08 -3.62
N GLN C 71 -6.77 22.93 -4.28
CA GLN C 71 -7.92 22.12 -4.67
C GLN C 71 -8.69 21.63 -3.45
N TYR C 72 -7.98 21.09 -2.46
CA TYR C 72 -8.63 20.66 -1.22
C TYR C 72 -9.36 21.82 -0.55
N MET C 73 -8.70 22.97 -0.44
CA MET C 73 -9.33 24.09 0.28
C MET C 73 -10.58 24.58 -0.43
N ARG C 74 -10.61 24.55 -1.77
CA ARG C 74 -11.77 25.12 -2.45
C ARG C 74 -13.05 24.36 -2.14
N THR C 75 -12.95 23.09 -1.70
CA THR C 75 -14.16 22.34 -1.36
C THR C 75 -14.88 22.87 -0.12
N GLY C 76 -14.23 23.71 0.70
CA GLY C 76 -14.77 24.04 2.01
C GLY C 76 -15.56 25.33 2.08
N GLU C 77 -16.57 25.34 2.96
CA GLU C 77 -17.26 26.57 3.32
C GLU C 77 -16.72 27.23 4.58
N GLY C 78 -16.12 26.44 5.47
CA GLY C 78 -15.53 26.98 6.69
C GLY C 78 -14.28 26.20 7.01
N PHE C 79 -13.35 26.84 7.74
CA PHE C 79 -12.02 26.29 7.93
C PHE C 79 -11.61 26.33 9.38
N LEU C 80 -11.02 25.24 9.87
CA LEU C 80 -10.34 25.22 11.14
C LEU C 80 -8.85 25.31 10.87
N CYS C 81 -8.21 26.38 11.32
CA CYS C 81 -6.77 26.56 11.16
C CYS C 81 -6.11 26.15 12.48
N VAL C 82 -5.37 25.04 12.44
CA VAL C 82 -4.91 24.36 13.64
C VAL C 82 -3.40 24.51 13.78
N PHE C 83 -2.94 24.86 14.97
CA PHE C 83 -1.52 24.79 15.33
C PHE C 83 -1.40 24.04 16.65
N ALA C 84 -0.19 23.58 16.96
CA ALA C 84 0.09 22.90 18.21
C ALA C 84 0.67 23.89 19.21
N ILE C 85 0.17 23.87 20.45
CA ILE C 85 0.61 24.87 21.41
C ILE C 85 2.03 24.64 21.89
N ASN C 86 2.66 23.51 21.54
CA ASN C 86 4.06 23.33 21.85
C ASN C 86 4.95 23.38 20.60
N ASN C 87 4.46 23.98 19.50
CA ASN C 87 5.28 24.08 18.28
C ASN C 87 5.10 25.48 17.71
N THR C 88 6.06 26.36 18.00
N THR C 88 6.06 26.37 18.00
CA THR C 88 5.93 27.75 17.59
CA THR C 88 5.91 27.76 17.57
C THR C 88 5.86 27.88 16.07
C THR C 88 5.90 27.89 16.04
N LYS C 89 6.62 27.06 15.34
N LYS C 89 6.64 27.02 15.34
CA LYS C 89 6.59 27.15 13.89
CA LYS C 89 6.62 27.08 13.88
C LYS C 89 5.19 26.91 13.34
C LYS C 89 5.21 26.88 13.33
N SER C 90 4.46 25.92 13.90
CA SER C 90 3.10 25.68 13.41
C SER C 90 2.20 26.90 13.65
N PHE C 91 2.47 27.64 14.72
CA PHE C 91 1.72 28.87 14.99
C PHE C 91 2.08 29.95 13.99
N GLU C 92 3.38 30.08 13.68
CA GLU C 92 3.82 31.07 12.71
C GLU C 92 3.32 30.77 11.31
N ASP C 93 3.02 29.50 11.00
CA ASP C 93 2.46 29.11 9.70
C ASP C 93 1.02 29.61 9.49
N ILE C 94 0.31 29.98 10.56
CA ILE C 94 -1.12 30.25 10.46
C ILE C 94 -1.39 31.39 9.47
N HIS C 95 -0.60 32.46 9.54
CA HIS C 95 -0.81 33.60 8.65
C HIS C 95 -0.87 33.17 7.19
N GLN C 96 0.07 32.32 6.76
CA GLN C 96 0.08 31.96 5.34
C GLN C 96 -1.08 31.01 4.99
N TYR C 97 -1.48 30.14 5.92
CA TYR C 97 -2.69 29.35 5.68
C TYR C 97 -3.91 30.24 5.47
N ARG C 98 -4.07 31.25 6.32
CA ARG C 98 -5.23 32.13 6.19
C ARG C 98 -5.18 32.91 4.88
N GLU C 99 -4.00 33.40 4.49
CA GLU C 99 -3.89 34.12 3.22
C GLU C 99 -4.22 33.22 2.05
N GLN C 100 -3.81 31.95 2.12
CA GLN C 100 -4.09 31.02 1.04
C GLN C 100 -5.59 30.71 0.94
N ILE C 101 -6.26 30.54 2.08
CA ILE C 101 -7.70 30.32 2.07
C ILE C 101 -8.43 31.49 1.42
N LYS C 102 -8.05 32.72 1.81
CA LYS C 102 -8.68 33.91 1.24
C LYS C 102 -8.51 33.97 -0.27
N ARG C 103 -7.32 33.59 -0.75
CA ARG C 103 -7.07 33.60 -2.19
C ARG C 103 -7.90 32.53 -2.89
N VAL C 104 -7.90 31.31 -2.35
CA VAL C 104 -8.64 30.20 -2.98
C VAL C 104 -10.13 30.49 -3.02
N LYS C 105 -10.69 31.02 -1.94
CA LYS C 105 -12.11 31.32 -1.89
C LYS C 105 -12.45 32.66 -2.52
N ASP C 106 -11.43 33.45 -2.87
CA ASP C 106 -11.59 34.78 -3.48
C ASP C 106 -12.48 35.68 -2.61
N SER C 107 -12.16 35.73 -1.32
CA SER C 107 -12.94 36.54 -0.39
C SER C 107 -12.04 36.96 0.76
N ASP C 108 -12.26 38.17 1.26
CA ASP C 108 -11.56 38.64 2.43
C ASP C 108 -12.25 38.26 3.72
N ASP C 109 -13.41 37.60 3.65
CA ASP C 109 -14.22 37.27 4.83
C ASP C 109 -14.70 35.82 4.69
N VAL C 110 -13.82 34.87 4.95
CA VAL C 110 -14.12 33.44 4.90
C VAL C 110 -14.35 32.93 6.31
N PRO C 111 -15.42 32.19 6.58
CA PRO C 111 -15.63 31.64 7.94
C PRO C 111 -14.47 30.74 8.35
N MET C 112 -13.85 31.08 9.48
CA MET C 112 -12.76 30.26 9.97
C MET C 112 -12.58 30.48 11.46
N VAL C 113 -11.95 29.51 12.10
CA VAL C 113 -11.62 29.58 13.51
C VAL C 113 -10.16 29.19 13.66
N LEU C 114 -9.50 29.79 14.66
CA LEU C 114 -8.14 29.45 15.04
C LEU C 114 -8.20 28.42 16.17
N VAL C 115 -7.47 27.32 16.03
CA VAL C 115 -7.52 26.25 17.03
C VAL C 115 -6.11 25.97 17.52
N GLY C 116 -5.91 26.08 18.84
CA GLY C 116 -4.66 25.71 19.46
C GLY C 116 -4.82 24.34 20.12
N ASN C 117 -4.02 23.39 19.66
CA ASN C 117 -4.19 21.97 20.01
C ASN C 117 -3.08 21.53 20.94
N LYS C 118 -3.45 20.94 22.08
N LYS C 118 -3.45 20.96 22.09
CA LYS C 118 -2.50 20.36 23.03
CA LYS C 118 -2.47 20.38 23.01
C LYS C 118 -2.35 18.88 22.70
C LYS C 118 -2.35 18.90 22.69
N CYS C 119 -1.24 18.51 22.06
CA CYS C 119 -1.08 17.16 21.54
C CYS C 119 -0.24 16.26 22.43
N ASP C 120 0.38 16.80 23.48
CA ASP C 120 1.13 15.96 24.43
C ASP C 120 1.42 16.79 25.68
N LEU C 121 2.30 16.25 26.52
CA LEU C 121 2.69 16.90 27.75
C LEU C 121 4.00 17.68 27.63
N ALA C 122 4.57 17.78 26.42
CA ALA C 122 5.72 18.65 26.21
C ALA C 122 5.34 20.09 26.53
N ALA C 123 6.35 20.90 26.84
CA ALA C 123 6.10 22.23 27.39
C ALA C 123 5.43 23.13 26.36
N ARG C 124 4.38 23.83 26.78
CA ARG C 124 3.75 24.80 25.91
C ARG C 124 4.73 25.91 25.54
N THR C 125 4.72 26.31 24.26
CA THR C 125 5.56 27.42 23.81
C THR C 125 4.78 28.57 23.21
N VAL C 126 3.48 28.40 22.93
CA VAL C 126 2.61 29.48 22.48
C VAL C 126 1.63 29.75 23.60
N GLU C 127 1.71 30.92 24.23
CA GLU C 127 0.77 31.23 25.30
C GLU C 127 -0.60 31.59 24.74
N SER C 128 -1.63 31.35 25.56
N SER C 128 -1.64 31.38 25.55
CA SER C 128 -3.01 31.69 25.22
CA SER C 128 -2.99 31.67 25.07
C SER C 128 -3.11 33.12 24.70
C SER C 128 -3.16 33.15 24.70
N ARG C 129 -2.49 34.06 25.40
CA ARG C 129 -2.60 35.47 25.05
C ARG C 129 -2.07 35.75 23.64
N GLN C 130 -0.96 35.11 23.26
CA GLN C 130 -0.43 35.29 21.90
C GLN C 130 -1.44 34.87 20.86
N ALA C 131 -2.08 33.73 21.07
CA ALA C 131 -3.04 33.22 20.10
C ALA C 131 -4.33 34.03 20.09
N GLN C 132 -4.77 34.50 21.27
CA GLN C 132 -5.94 35.37 21.32
C GLN C 132 -5.68 36.67 20.57
N ASP C 133 -4.49 37.25 20.76
CA ASP C 133 -4.16 38.48 20.04
C ASP C 133 -4.17 38.25 18.52
N LEU C 134 -3.62 37.13 18.06
CA LEU C 134 -3.61 36.83 16.63
C LEU C 134 -5.04 36.68 16.11
N ALA C 135 -5.86 35.89 16.82
CA ALA C 135 -7.25 35.70 16.39
C ALA C 135 -8.01 37.03 16.36
N ARG C 136 -7.80 37.88 17.36
CA ARG C 136 -8.47 39.18 17.36
C ARG C 136 -8.01 40.03 16.18
N SER C 137 -6.72 39.97 15.84
CA SER C 137 -6.24 40.76 14.72
C SER C 137 -6.88 40.32 13.41
N TYR C 138 -7.30 39.06 13.32
CA TYR C 138 -8.01 38.53 12.15
C TYR C 138 -9.52 38.63 12.24
N GLY C 139 -10.06 38.96 13.41
CA GLY C 139 -11.51 38.98 13.56
C GLY C 139 -12.15 37.61 13.63
N ILE C 140 -11.46 36.60 14.16
CA ILE C 140 -11.99 35.24 14.19
C ILE C 140 -11.91 34.69 15.61
N PRO C 141 -12.72 33.67 15.93
CA PRO C 141 -12.65 33.05 17.25
C PRO C 141 -11.39 32.22 17.46
N TYR C 142 -11.04 32.04 18.74
CA TYR C 142 -9.93 31.17 19.15
C TYR C 142 -10.47 30.12 20.10
N ILE C 143 -10.16 28.85 19.83
CA ILE C 143 -10.55 27.73 20.70
C ILE C 143 -9.31 26.90 20.97
N GLU C 144 -9.09 26.50 22.24
CA GLU C 144 -8.04 25.53 22.54
C GLU C 144 -8.65 24.17 22.81
N THR C 145 -7.94 23.12 22.37
CA THR C 145 -8.44 21.75 22.45
C THR C 145 -7.35 20.84 23.01
N SER C 146 -7.77 19.75 23.64
CA SER C 146 -6.87 18.70 24.05
C SER C 146 -7.00 17.53 23.09
N ALA C 147 -5.86 16.98 22.64
CA ALA C 147 -5.86 15.81 21.77
C ALA C 147 -6.12 14.52 22.52
N LYS C 148 -6.25 14.59 23.84
CA LYS C 148 -6.38 13.38 24.63
C LYS C 148 -7.67 13.30 25.45
N THR C 149 -8.24 14.42 25.88
CA THR C 149 -9.41 14.41 26.76
C THR C 149 -10.69 14.79 26.05
N ARG C 150 -10.61 15.17 24.78
CA ARG C 150 -11.69 15.69 23.95
C ARG C 150 -12.16 17.08 24.38
N GLN C 151 -11.50 17.72 25.36
CA GLN C 151 -11.91 19.07 25.75
C GLN C 151 -11.74 20.04 24.58
N GLY C 152 -12.73 20.90 24.38
CA GLY C 152 -12.68 21.92 23.35
C GLY C 152 -13.07 21.45 21.96
N VAL C 153 -13.15 20.15 21.71
CA VAL C 153 -13.33 19.65 20.36
C VAL C 153 -14.69 20.05 19.80
N GLU C 154 -15.77 19.79 20.56
N GLU C 154 -15.76 19.78 20.56
CA GLU C 154 -17.09 20.21 20.09
CA GLU C 154 -17.09 20.20 20.11
C GLU C 154 -17.18 21.72 19.95
C GLU C 154 -17.16 21.71 19.93
N ASP C 155 -16.59 22.46 20.88
CA ASP C 155 -16.59 23.93 20.80
C ASP C 155 -15.94 24.40 19.50
N ALA C 156 -14.82 23.79 19.10
CA ALA C 156 -14.15 24.25 17.88
C ALA C 156 -15.05 24.09 16.67
N PHE C 157 -15.67 22.91 16.50
CA PHE C 157 -16.49 22.68 15.32
C PHE C 157 -17.80 23.46 15.38
N TYR C 158 -18.44 23.50 16.54
CA TYR C 158 -19.71 24.22 16.64
C TYR C 158 -19.52 25.72 16.46
N THR C 159 -18.43 26.27 17.00
CA THR C 159 -18.13 27.68 16.79
C THR C 159 -17.97 27.98 15.30
N LEU C 160 -17.27 27.10 14.57
CA LEU C 160 -17.13 27.31 13.12
C LEU C 160 -18.48 27.28 12.42
N VAL C 161 -19.36 26.34 12.78
CA VAL C 161 -20.68 26.32 12.15
C VAL C 161 -21.43 27.62 12.44
N ARG C 162 -21.31 28.15 13.65
CA ARG C 162 -21.95 29.43 13.96
C ARG C 162 -21.37 30.56 13.11
N GLU C 163 -20.06 30.53 12.85
CA GLU C 163 -19.48 31.53 11.95
C GLU C 163 -20.06 31.43 10.54
N ILE C 164 -20.28 30.21 10.06
CA ILE C 164 -20.91 30.05 8.74
C ILE C 164 -22.34 30.58 8.77
N ARG C 165 -23.10 30.21 9.79
CA ARG C 165 -24.50 30.61 9.87
C ARG C 165 -24.65 32.11 9.95
N GLN C 166 -23.72 32.78 10.61
CA GLN C 166 -23.79 34.20 10.84
C GLN C 166 -22.98 35.01 9.82
N HIS C 167 -22.50 34.36 8.75
CA HIS C 167 -21.69 35.05 7.76
C HIS C 167 -22.52 36.10 7.02
PG GNP D . 9.90 -26.00 -3.41
O1G GNP D . 9.44 -24.68 -2.86
O2G GNP D . 11.05 -26.57 -2.60
O3G GNP D . 8.80 -27.03 -3.41
N3B GNP D . 10.37 -25.80 -4.93
PB GNP D . 9.55 -25.10 -6.16
O1B GNP D . 8.94 -23.83 -5.68
O2B GNP D . 8.62 -26.09 -6.76
O3A GNP D . 10.57 -24.78 -7.28
PA GNP D . 11.28 -23.43 -7.61
O1A GNP D . 10.31 -22.46 -8.18
O2A GNP D . 12.10 -23.01 -6.45
O5' GNP D . 12.24 -23.75 -8.81
C5' GNP D . 13.25 -24.75 -8.67
C4' GNP D . 14.34 -24.56 -9.71
O4' GNP D . 13.79 -24.82 -11.04
C3' GNP D . 14.93 -23.16 -9.78
O3' GNP D . 16.32 -23.24 -10.09
C2' GNP D . 14.16 -22.51 -10.95
O2' GNP D . 14.89 -21.47 -11.58
C1' GNP D . 13.95 -23.71 -11.88
N9 GNP D . 12.76 -23.57 -12.70
C8 GNP D . 11.47 -23.34 -12.23
N7 GNP D . 10.58 -23.25 -13.20
C5 GNP D . 11.34 -23.41 -14.37
C6 GNP D . 10.93 -23.42 -15.73
O6 GNP D . 9.80 -23.25 -16.18
N1 GNP D . 12.00 -23.64 -16.60
C2 GNP D . 13.30 -23.82 -16.19
N2 GNP D . 14.22 -24.02 -17.17
N3 GNP D . 13.68 -23.82 -14.92
C4 GNP D . 12.66 -23.61 -14.07
MG MG E . 8.88 -22.99 -3.81
N1 EBV F . -15.23 25.08 -18.49
N3 EBV F . -13.70 26.76 -14.89
C4 EBV F . -14.81 23.81 -18.09
C5 EBV F . -13.53 23.23 -18.11
C6 EBV F . -13.42 21.93 -17.65
C7 EBV F . -14.53 21.21 -17.18
C8 EBV F . -15.80 21.78 -17.15
C10 EBV F . -18.45 24.81 -15.14
C13 EBV F . -14.73 27.42 -15.78
C15 EBV F . -12.03 24.94 -14.77
C17 EBV F . -10.82 23.38 -13.59
C20 EBV F . -12.67 21.43 -13.70
C21 EBV F . -12.99 22.60 -14.32
C22 EBV F . -12.05 23.61 -14.27
C24 EBV F . -15.78 26.97 -13.57
N EBV F . -19.42 25.90 -17.27
C EBV F . -19.21 24.65 -16.50
O EBV F . -18.63 23.93 -14.28
C1 EBV F . -18.46 23.59 -17.37
C11 EBV F . -17.27 27.12 -15.54
C12 EBV F . -15.98 27.69 -14.93
C14 EBV F . -13.11 25.56 -15.58
C16 EBV F . -10.83 25.51 -14.39
C18 EBV F . -10.50 22.15 -12.98
C19 EBV F . -11.45 21.16 -13.03
C2 EBV F . -17.09 23.99 -17.75
C23 EBV F . -14.32 26.43 -13.56
C25 EBV F . -16.84 25.83 -13.50
C3 EBV F . -16.62 25.18 -18.27
C9 EBV F . -15.95 23.10 -17.62
N2 EBV F . -17.60 25.88 -14.79
N4 EBV F . -10.08 24.56 -13.68
CL EBV F . -13.89 20.22 -13.67
C FMT G . -2.96 -31.71 18.98
O1 FMT G . -2.59 -31.61 20.15
O2 FMT G . -2.83 -30.82 18.13
C FMT H . 14.36 11.45 -36.33
O1 FMT H . 13.38 10.71 -36.19
O2 FMT H . 14.29 12.67 -36.48
C FMT I . 3.91 -24.09 6.73
O1 FMT I . 3.93 -23.21 7.60
O2 FMT I . 3.16 -25.06 6.75
C FMT J . 1.33 -24.05 19.77
O1 FMT J . 2.11 -24.03 18.81
O2 FMT J . 0.37 -24.82 19.84
C FMT K . 8.06 33.88 -32.19
O1 FMT K . 6.84 33.87 -32.33
O2 FMT K . 8.64 34.29 -31.18
C1 GOL L . 8.83 -1.41 -15.22
O1 GOL L . 9.82 -2.34 -14.89
C2 GOL L . 9.04 -0.26 -14.25
O2 GOL L . 10.21 0.44 -14.56
C3 GOL L . 7.77 0.64 -14.32
O3 GOL L . 6.62 -0.15 -14.09
C1 GOL M . -0.01 5.10 -24.49
O1 GOL M . 1.01 4.14 -24.56
C2 GOL M . -0.89 4.94 -25.77
O2 GOL M . -1.12 3.60 -26.08
C3 GOL M . -2.21 5.63 -25.39
O3 GOL M . -2.32 6.78 -26.19
C FMT N . -1.15 14.97 12.19
O1 FMT N . -2.08 14.42 12.79
O2 FMT N . -1.20 15.60 11.13
NA NA O . 8.20 25.44 19.73
#